data_4PFU
#
_entry.id   4PFU
#
_cell.length_a   100.911
_cell.length_b   193.867
_cell.length_c   159.513
_cell.angle_alpha   90.00
_cell.angle_beta   90.00
_cell.angle_gamma   90.00
#
_symmetry.space_group_name_H-M   'C 2 2 21'
#
loop_
_entity.id
_entity.type
_entity.pdbx_description
1 polymer 'ABC transporter substrate-binding protein'
2 branched beta-D-mannopyranose-(1-4)-beta-D-mannopyranose
3 non-polymer 'MAGNESIUM ION'
4 non-polymer 'SULFATE ION'
5 water water
#
_entity_poly.entity_id   1
_entity_poly.type   'polypeptide(L)'
_entity_poly.pdbx_seq_one_letter_code
;MVLERNETMYYGGSLWSPPSNWNPFTPWNAVPGTTGLVYETMFFYDPLTGNFDPWLAEKGEWLDSKTYRVVLREGIYWHD
NVPLTSEDVRFTFEIAKKYKGIHYSSVWEWLDHIETPDNRTVIFVFKDPRYHEWNELLYTLPIVPKHIWEEKDETTILQS
SNEYPLGSGPYVAHSWDQNKMIFERFENWWGTKVMGVKPAPKYVVIVRVLSNNVALGMLMKGELDFSNFMLPGVPILKKV
YNLNTWYDEPPYHLSSTVVGLFLNARKYPLSLPEFRRAIAMSINADPIVQRVYEGAVLKADPLGFLPNSVWMKYYPKEVV
EKHGFKYDPEEAKSILDKLGFRDVNGDGFRETPDGKPIKLTIECPYGWTDWMQAIQVIVDQLKVVGINAEPYFPDSSKYY
ENMYKGEFDIEMNANGTGISSTPWTYFNTIFYPDALESEFSYTGNYGRYQNPEVESLLEELNRTPLDNVEKVTELCGKLG
EILLKDLPFIPLWYGAMAFITQDNVWTNWPNEHNPYAWPCGWANWWQTGALKILFNLKPAKHHHHHH
;
_entity_poly.pdbx_strand_id   A,B
#
loop_
_chem_comp.id
_chem_comp.type
_chem_comp.name
_chem_comp.formula
BMA D-saccharide, beta linking beta-D-mannopyranose 'C6 H12 O6'
MG non-polymer 'MAGNESIUM ION' 'Mg 2'
SO4 non-polymer 'SULFATE ION' 'O4 S -2'
#
# COMPACT_ATOMS: atom_id res chain seq x y z
N VAL A 2 -1.52 10.19 37.26
CA VAL A 2 -1.03 11.05 36.19
C VAL A 2 0.12 10.37 35.46
N LEU A 3 0.17 10.56 34.13
CA LEU A 3 1.15 9.88 33.29
C LEU A 3 2.10 10.88 32.61
N GLU A 4 3.38 10.51 32.51
CA GLU A 4 4.36 11.36 31.83
C GLU A 4 3.95 11.64 30.37
N ARG A 5 3.74 12.91 30.04
CA ARG A 5 3.17 13.27 28.74
C ARG A 5 3.98 12.72 27.57
N ASN A 6 5.31 12.83 27.64
CA ASN A 6 6.17 12.45 26.51
C ASN A 6 6.22 10.93 26.25
N GLU A 7 5.65 10.14 27.14
CA GLU A 7 5.63 8.69 26.96
C GLU A 7 4.18 8.17 26.89
N THR A 8 3.23 9.09 26.75
CA THR A 8 1.82 8.77 26.65
C THR A 8 1.25 9.21 25.31
N MET A 9 0.44 8.36 24.67
CA MET A 9 -0.25 8.77 23.45
C MET A 9 -1.75 8.79 23.68
N TYR A 10 -2.35 9.95 23.41
CA TYR A 10 -3.78 10.14 23.59
C TYR A 10 -4.51 9.91 22.27
N TYR A 11 -5.37 8.89 22.27
CA TYR A 11 -6.20 8.55 21.13
C TYR A 11 -7.65 8.88 21.43
N GLY A 12 -8.41 9.29 20.43
CA GLY A 12 -9.84 9.40 20.60
C GLY A 12 -10.59 9.15 19.30
N GLY A 13 -11.86 8.78 19.42
CA GLY A 13 -12.76 8.74 18.27
C GLY A 13 -13.73 7.58 18.30
N SER A 14 -13.44 6.56 19.10
CA SER A 14 -14.22 5.31 19.08
C SER A 14 -14.84 4.90 20.41
N LEU A 15 -14.66 5.73 21.43
CA LEU A 15 -15.12 5.39 22.78
C LEU A 15 -16.26 6.30 23.17
N TRP A 16 -17.50 5.82 23.05
CA TRP A 16 -18.65 6.69 23.27
C TRP A 16 -19.55 6.25 24.42
N SER A 17 -19.07 5.28 25.19
CA SER A 17 -19.70 4.85 26.45
C SER A 17 -18.61 4.62 27.49
N PRO A 18 -18.97 4.66 28.80
CA PRO A 18 -17.99 4.34 29.84
C PRO A 18 -17.36 2.98 29.64
N PRO A 19 -16.03 2.88 29.83
CA PRO A 19 -15.37 1.57 29.76
C PRO A 19 -15.91 0.60 30.81
N SER A 20 -16.46 -0.53 30.38
CA SER A 20 -17.16 -1.44 31.29
C SER A 20 -17.10 -2.90 30.87
N ASN A 21 -16.30 -3.19 29.84
CA ASN A 21 -16.23 -4.52 29.27
C ASN A 21 -14.91 -4.71 28.52
N TRP A 22 -14.21 -5.81 28.81
CA TRP A 22 -12.93 -6.13 28.16
C TRP A 22 -12.93 -7.58 27.73
N ASN A 23 -14.13 -8.04 27.38
CA ASN A 23 -14.35 -9.45 27.05
C ASN A 23 -14.14 -9.74 25.57
N PRO A 24 -13.14 -10.59 25.26
CA PRO A 24 -12.88 -10.92 23.84
C PRO A 24 -14.05 -11.61 23.17
N PHE A 25 -14.94 -12.22 23.96
CA PHE A 25 -16.11 -12.90 23.42
C PHE A 25 -17.27 -11.95 23.13
N THR A 26 -17.17 -10.70 23.57
CA THR A 26 -18.22 -9.72 23.29
C THR A 26 -17.64 -8.48 22.60
N PRO A 27 -17.26 -8.61 21.32
CA PRO A 27 -16.58 -7.51 20.62
C PRO A 27 -17.44 -6.25 20.48
N TRP A 28 -18.75 -6.37 20.59
CA TRP A 28 -19.65 -5.23 20.51
C TRP A 28 -19.56 -4.33 21.73
N ASN A 29 -19.09 -4.87 22.86
CA ASN A 29 -19.00 -4.11 24.10
C ASN A 29 -17.59 -3.80 24.54
N ALA A 30 -16.63 -4.59 24.06
CA ALA A 30 -15.25 -4.48 24.54
C ALA A 30 -14.67 -3.12 24.19
N VAL A 31 -14.02 -2.51 25.18
N VAL A 31 -14.03 -2.49 25.17
CA VAL A 31 -13.33 -1.23 25.02
CA VAL A 31 -13.49 -1.15 24.94
C VAL A 31 -12.33 -1.26 23.88
C VAL A 31 -12.40 -1.23 23.89
N PRO A 32 -12.32 -0.20 23.04
CA PRO A 32 -11.35 -0.16 21.92
C PRO A 32 -9.92 -0.40 22.40
N GLY A 33 -9.21 -1.28 21.70
CA GLY A 33 -7.86 -1.63 22.09
C GLY A 33 -7.76 -2.99 22.73
N THR A 34 -8.85 -3.45 23.32
CA THR A 34 -8.82 -4.73 24.03
C THR A 34 -8.39 -5.85 23.10
N THR A 35 -9.09 -6.03 22.00
CA THR A 35 -8.54 -6.81 20.92
C THR A 35 -7.57 -5.92 20.13
N GLY A 36 -6.36 -6.41 19.92
CA GLY A 36 -5.34 -5.63 19.22
C GLY A 36 -4.19 -5.21 20.12
N LEU A 37 -4.50 -4.59 21.25
CA LEU A 37 -3.45 -4.19 22.19
C LEU A 37 -3.21 -5.26 23.24
N VAL A 38 -4.28 -5.95 23.65
CA VAL A 38 -4.16 -7.01 24.67
C VAL A 38 -4.32 -8.42 24.08
N TYR A 39 -5.40 -8.66 23.33
CA TYR A 39 -5.57 -9.93 22.63
C TYR A 39 -5.05 -9.81 21.20
N GLU A 40 -4.43 -10.88 20.70
CA GLU A 40 -3.85 -10.84 19.37
C GLU A 40 -4.59 -11.77 18.43
N THR A 41 -4.43 -11.50 17.14
CA THR A 41 -5.04 -12.33 16.11
C THR A 41 -3.96 -13.07 15.34
N MET A 42 -4.36 -14.06 14.55
CA MET A 42 -3.41 -14.89 13.82
C MET A 42 -2.68 -14.08 12.76
N PHE A 43 -3.39 -13.12 12.17
CA PHE A 43 -2.84 -12.26 11.13
C PHE A 43 -3.23 -10.81 11.36
N PHE A 44 -2.39 -9.89 10.93
CA PHE A 44 -2.82 -8.51 10.66
C PHE A 44 -3.50 -8.49 9.29
N TYR A 45 -4.34 -7.49 9.04
CA TYR A 45 -4.83 -7.24 7.68
C TYR A 45 -4.62 -5.77 7.32
N ASP A 46 -4.12 -5.50 6.12
CA ASP A 46 -3.83 -4.14 5.72
C ASP A 46 -4.76 -3.69 4.58
N PRO A 47 -5.77 -2.85 4.90
CA PRO A 47 -6.71 -2.35 3.88
C PRO A 47 -6.01 -1.57 2.77
N LEU A 48 -4.83 -1.00 3.04
CA LEU A 48 -4.10 -0.25 2.01
C LEU A 48 -3.64 -1.11 0.83
N THR A 49 -3.42 -2.41 1.05
CA THR A 49 -2.81 -3.28 0.03
C THR A 49 -3.57 -4.59 -0.17
N GLY A 50 -4.35 -4.99 0.83
CA GLY A 50 -4.93 -6.34 0.89
C GLY A 50 -4.04 -7.37 1.58
N ASN A 51 -2.85 -6.97 2.02
CA ASN A 51 -1.91 -7.91 2.64
C ASN A 51 -2.37 -8.50 3.97
N PHE A 52 -2.19 -9.81 4.14
CA PHE A 52 -2.31 -10.45 5.44
C PHE A 52 -0.92 -10.65 6.02
N ASP A 53 -0.56 -9.89 7.05
CA ASP A 53 0.77 -10.01 7.62
C ASP A 53 0.72 -10.93 8.83
N PRO A 54 1.68 -11.87 8.90
CA PRO A 54 1.62 -12.88 9.96
C PRO A 54 1.83 -12.26 11.34
N TRP A 55 0.94 -12.57 12.27
CA TRP A 55 1.07 -12.10 13.65
C TRP A 55 1.39 -13.29 14.54
N LEU A 56 0.40 -13.89 15.16
CA LEU A 56 0.60 -15.14 15.89
C LEU A 56 1.02 -16.27 14.93
N ALA A 57 0.33 -16.33 13.80
CA ALA A 57 0.67 -17.29 12.76
C ALA A 57 1.97 -16.86 12.13
N GLU A 58 2.85 -17.82 11.90
CA GLU A 58 4.04 -17.59 11.09
C GLU A 58 3.69 -17.74 9.61
N LYS A 59 2.70 -18.57 9.34
CA LYS A 59 2.22 -18.82 7.99
C LYS A 59 0.84 -19.43 8.06
N GLY A 60 0.09 -19.29 6.97
CA GLY A 60 -1.21 -19.91 6.83
C GLY A 60 -1.41 -20.28 5.38
N GLU A 61 -1.86 -21.51 5.14
CA GLU A 61 -1.98 -22.06 3.79
C GLU A 61 -3.18 -22.98 3.67
N TRP A 62 -3.88 -22.90 2.55
CA TRP A 62 -4.77 -23.99 2.13
C TRP A 62 -3.90 -25.14 1.64
N LEU A 63 -3.99 -26.31 2.29
CA LEU A 63 -3.26 -27.51 1.87
C LEU A 63 -3.98 -28.16 0.69
N ASP A 64 -5.30 -28.14 0.75
CA ASP A 64 -6.12 -28.49 -0.41
C ASP A 64 -7.40 -27.69 -0.21
N SER A 65 -8.46 -28.02 -0.95
CA SER A 65 -9.64 -27.15 -0.99
C SER A 65 -10.42 -27.12 0.32
N LYS A 66 -10.18 -28.10 1.19
CA LYS A 66 -10.96 -28.27 2.41
C LYS A 66 -10.12 -28.27 3.69
N THR A 67 -8.85 -27.91 3.57
CA THR A 67 -7.91 -28.04 4.68
C THR A 67 -6.98 -26.84 4.77
N TYR A 68 -7.05 -26.12 5.88
CA TYR A 68 -6.21 -24.93 6.06
C TYR A 68 -5.31 -25.17 7.26
N ARG A 69 -4.03 -24.86 7.08
CA ARG A 69 -3.05 -25.07 8.13
C ARG A 69 -2.42 -23.77 8.58
N VAL A 70 -2.41 -23.57 9.89
CA VAL A 70 -1.71 -22.46 10.51
C VAL A 70 -0.50 -23.04 11.21
N VAL A 71 0.67 -22.42 11.01
CA VAL A 71 1.81 -22.73 11.85
C VAL A 71 2.17 -21.48 12.64
N LEU A 72 2.09 -21.61 13.96
CA LEU A 72 2.35 -20.50 14.86
C LEU A 72 3.82 -20.15 14.88
N ARG A 73 4.14 -18.88 15.13
CA ARG A 73 5.51 -18.51 15.42
C ARG A 73 5.99 -19.23 16.68
N GLU A 74 7.27 -19.57 16.72
CA GLU A 74 7.85 -20.11 17.95
C GLU A 74 8.12 -18.98 18.95
N GLY A 75 7.83 -19.24 20.22
CA GLY A 75 8.14 -18.30 21.28
C GLY A 75 7.06 -17.30 21.64
N ILE A 76 5.80 -17.66 21.40
CA ILE A 76 4.69 -16.82 21.81
C ILE A 76 4.32 -17.15 23.24
N TYR A 77 4.09 -16.13 24.05
CA TYR A 77 3.76 -16.33 25.47
C TYR A 77 2.60 -15.44 25.90
N TRP A 78 1.70 -16.00 26.68
CA TRP A 78 0.72 -15.19 27.38
C TRP A 78 1.47 -14.30 28.39
N HIS A 79 0.79 -13.28 28.88
CA HIS A 79 1.40 -12.33 29.80
C HIS A 79 1.75 -12.94 31.16
N ASP A 80 1.14 -14.06 31.53
CA ASP A 80 1.50 -14.74 32.77
C ASP A 80 2.56 -15.82 32.52
N ASN A 81 3.31 -15.65 31.42
CA ASN A 81 4.42 -16.50 31.03
C ASN A 81 4.06 -17.93 30.62
N VAL A 82 2.78 -18.23 30.50
CA VAL A 82 2.35 -19.50 29.93
C VAL A 82 2.51 -19.48 28.39
N PRO A 83 3.10 -20.54 27.82
CA PRO A 83 3.27 -20.58 26.36
C PRO A 83 1.93 -20.50 25.62
N LEU A 84 1.87 -19.72 24.55
CA LEU A 84 0.71 -19.74 23.69
C LEU A 84 0.95 -20.81 22.62
N THR A 85 0.06 -21.79 22.54
CA THR A 85 0.26 -22.95 21.66
C THR A 85 -0.91 -23.20 20.72
N SER A 86 -0.75 -24.21 19.86
CA SER A 86 -1.82 -24.65 18.97
C SER A 86 -3.12 -25.01 19.71
N GLU A 87 -2.98 -25.50 20.94
CA GLU A 87 -4.17 -25.87 21.73
C GLU A 87 -4.99 -24.64 22.21
N ASP A 88 -4.35 -23.47 22.30
CA ASP A 88 -5.08 -22.21 22.58
C ASP A 88 -5.94 -21.81 21.39
N VAL A 89 -5.36 -21.97 20.21
CA VAL A 89 -6.09 -21.73 18.99
C VAL A 89 -7.20 -22.76 18.85
N ARG A 90 -6.89 -24.02 19.12
CA ARG A 90 -7.91 -25.06 19.08
C ARG A 90 -9.04 -24.70 20.03
N PHE A 91 -8.69 -24.38 21.27
CA PHE A 91 -9.68 -24.02 22.28
C PHE A 91 -10.54 -22.83 21.84
N THR A 92 -9.90 -21.84 21.21
CA THR A 92 -10.60 -20.60 20.86
C THR A 92 -11.80 -20.92 19.95
N PHE A 93 -11.59 -21.87 19.04
CA PHE A 93 -12.67 -22.34 18.17
C PHE A 93 -13.63 -23.30 18.87
N GLU A 94 -13.08 -24.31 19.56
CA GLU A 94 -13.88 -25.39 20.10
C GLU A 94 -14.81 -24.98 21.24
N ILE A 95 -14.42 -23.95 21.99
CA ILE A 95 -15.27 -23.46 23.08
C ILE A 95 -16.60 -22.98 22.51
N ALA A 96 -16.59 -22.58 21.24
CA ALA A 96 -17.78 -22.08 20.56
C ALA A 96 -18.62 -23.23 20.01
N LYS A 97 -18.07 -24.43 19.96
CA LYS A 97 -18.89 -25.59 19.61
C LYS A 97 -19.55 -26.13 20.88
N LYS A 98 -18.85 -25.98 21.99
CA LYS A 98 -19.37 -26.36 23.30
C LYS A 98 -20.49 -25.41 23.74
N TYR A 99 -20.23 -24.11 23.65
CA TYR A 99 -21.21 -23.09 24.03
C TYR A 99 -21.70 -22.34 22.81
N LYS A 100 -22.90 -22.69 22.34
CA LYS A 100 -23.38 -22.16 21.07
C LYS A 100 -23.78 -20.67 21.14
N GLY A 101 -23.86 -20.13 22.35
CA GLY A 101 -24.21 -18.73 22.53
C GLY A 101 -23.09 -17.79 22.09
N ILE A 102 -21.87 -18.32 22.05
CA ILE A 102 -20.71 -17.58 21.59
C ILE A 102 -20.89 -17.13 20.13
N HIS A 103 -20.52 -15.88 19.82
CA HIS A 103 -20.99 -15.24 18.58
C HIS A 103 -20.52 -15.92 17.30
N TYR A 104 -19.43 -16.69 17.34
CA TYR A 104 -18.96 -17.37 16.14
C TYR A 104 -19.15 -18.90 16.16
N SER A 105 -20.15 -19.34 16.92
CA SER A 105 -20.46 -20.77 17.01
C SER A 105 -20.94 -21.32 15.66
N SER A 106 -21.45 -20.42 14.81
CA SER A 106 -21.92 -20.80 13.49
C SER A 106 -20.80 -21.37 12.61
N VAL A 107 -19.54 -21.13 12.98
CA VAL A 107 -18.42 -21.62 12.19
C VAL A 107 -18.44 -23.15 12.16
N TRP A 108 -19.04 -23.76 13.18
CA TRP A 108 -19.02 -25.22 13.26
C TRP A 108 -20.08 -25.85 12.37
N GLU A 109 -20.85 -25.03 11.68
CA GLU A 109 -21.75 -25.54 10.66
C GLU A 109 -20.99 -25.91 9.38
N TRP A 110 -19.78 -25.39 9.22
CA TRP A 110 -19.01 -25.67 8.02
C TRP A 110 -17.58 -26.12 8.31
N LEU A 111 -17.09 -25.84 9.51
CA LEU A 111 -15.84 -26.42 9.98
C LEU A 111 -16.14 -27.78 10.59
N ASP A 112 -15.40 -28.82 10.17
CA ASP A 112 -15.63 -30.17 10.70
C ASP A 112 -14.84 -30.45 11.97
N HIS A 113 -13.53 -30.29 11.92
CA HIS A 113 -12.72 -30.52 13.11
C HIS A 113 -11.34 -29.89 13.02
N ILE A 114 -10.61 -29.94 14.12
CA ILE A 114 -9.30 -29.31 14.22
C ILE A 114 -8.26 -30.34 14.64
N GLU A 115 -7.12 -30.35 13.96
CA GLU A 115 -6.04 -31.24 14.38
C GLU A 115 -4.87 -30.40 14.85
N THR A 116 -4.12 -30.93 15.82
CA THR A 116 -2.91 -30.26 16.30
C THR A 116 -1.76 -31.25 16.42
N PRO A 117 -1.02 -31.45 15.32
CA PRO A 117 0.07 -32.44 15.28
C PRO A 117 1.23 -32.09 16.20
N ASP A 118 1.38 -30.81 16.55
CA ASP A 118 2.38 -30.41 17.52
C ASP A 118 2.00 -29.09 18.16
N ASN A 119 2.90 -28.53 18.97
CA ASN A 119 2.61 -27.32 19.73
C ASN A 119 2.47 -26.06 18.89
N ARG A 120 2.85 -26.13 17.62
CA ARG A 120 2.84 -24.93 16.77
C ARG A 120 1.84 -25.01 15.62
N THR A 121 1.27 -26.20 15.39
CA THR A 121 0.51 -26.45 14.18
C THR A 121 -0.98 -26.66 14.42
N VAL A 122 -1.79 -25.90 13.69
CA VAL A 122 -3.24 -26.04 13.74
C VAL A 122 -3.76 -26.38 12.36
N ILE A 123 -4.46 -27.50 12.25
CA ILE A 123 -5.03 -27.88 10.98
C ILE A 123 -6.55 -27.84 11.06
N PHE A 124 -7.17 -26.99 10.22
CA PHE A 124 -8.62 -26.91 10.12
C PHE A 124 -9.13 -27.72 8.92
N VAL A 125 -9.93 -28.73 9.18
CA VAL A 125 -10.59 -29.48 8.12
C VAL A 125 -12.07 -29.09 8.00
N PHE A 126 -12.47 -28.63 6.82
CA PHE A 126 -13.82 -28.08 6.62
C PHE A 126 -14.74 -29.04 5.89
N LYS A 127 -16.01 -29.06 6.27
CA LYS A 127 -17.01 -29.82 5.53
C LYS A 127 -17.48 -28.95 4.37
N ASP A 128 -17.54 -27.65 4.61
CA ASP A 128 -17.99 -26.69 3.61
C ASP A 128 -17.13 -25.43 3.74
N PRO A 129 -15.96 -25.41 3.10
CA PRO A 129 -15.04 -24.29 3.30
C PRO A 129 -15.61 -22.97 2.77
N ARG A 130 -15.92 -22.06 3.69
CA ARG A 130 -16.40 -20.73 3.31
C ARG A 130 -15.23 -19.78 3.27
N TYR A 131 -14.61 -19.67 2.10
CA TYR A 131 -13.35 -18.96 1.93
C TYR A 131 -13.41 -17.49 2.32
N HIS A 132 -14.48 -16.80 1.97
CA HIS A 132 -14.56 -15.35 2.18
C HIS A 132 -14.57 -15.05 3.67
N GLU A 133 -15.50 -15.67 4.38
CA GLU A 133 -15.63 -15.53 5.82
C GLU A 133 -14.40 -16.06 6.56
N TRP A 134 -13.79 -17.12 6.04
CA TRP A 134 -12.57 -17.63 6.66
C TRP A 134 -11.43 -16.61 6.61
N ASN A 135 -11.21 -15.98 5.45
CA ASN A 135 -10.20 -14.92 5.33
C ASN A 135 -10.38 -13.86 6.41
N GLU A 136 -11.63 -13.50 6.68
CA GLU A 136 -11.92 -12.45 7.69
C GLU A 136 -11.63 -12.94 9.11
N LEU A 137 -12.03 -14.17 9.44
CA LEU A 137 -11.71 -14.73 10.75
C LEU A 137 -10.20 -14.71 11.06
N LEU A 138 -9.37 -14.91 10.04
CA LEU A 138 -7.92 -14.94 10.20
C LEU A 138 -7.37 -13.67 10.85
N TYR A 139 -8.00 -12.51 10.60
CA TYR A 139 -7.50 -11.28 11.24
C TYR A 139 -8.46 -10.65 12.25
N THR A 140 -9.67 -11.21 12.41
CA THR A 140 -10.60 -10.61 13.37
C THR A 140 -10.80 -11.44 14.64
N LEU A 141 -10.57 -12.75 14.56
CA LEU A 141 -10.86 -13.61 15.70
C LEU A 141 -9.72 -13.59 16.72
N PRO A 142 -9.98 -13.01 17.90
CA PRO A 142 -8.94 -13.00 18.92
C PRO A 142 -8.66 -14.38 19.50
N ILE A 143 -7.39 -14.71 19.67
CA ILE A 143 -7.01 -15.97 20.32
C ILE A 143 -6.97 -15.78 21.84
N VAL A 144 -7.63 -16.68 22.54
CA VAL A 144 -7.83 -16.56 23.99
C VAL A 144 -7.16 -17.68 24.75
N PRO A 145 -6.74 -17.40 26.00
CA PRO A 145 -6.00 -18.38 26.80
C PRO A 145 -6.86 -19.51 27.35
N LYS A 146 -6.63 -20.71 26.83
CA LYS A 146 -7.33 -21.91 27.30
C LYS A 146 -7.23 -22.06 28.82
N HIS A 147 -6.03 -21.84 29.37
CA HIS A 147 -5.81 -22.07 30.79
C HIS A 147 -6.59 -21.10 31.67
N ILE A 148 -7.15 -20.05 31.06
CA ILE A 148 -7.95 -19.10 31.82
C ILE A 148 -9.45 -19.30 31.64
N TRP A 149 -9.88 -19.66 30.44
CA TRP A 149 -11.31 -19.75 30.17
C TRP A 149 -11.87 -21.16 30.30
N GLU A 150 -10.95 -22.12 30.46
CA GLU A 150 -11.25 -23.55 30.50
C GLU A 150 -12.40 -23.97 31.40
N GLU A 151 -12.42 -23.42 32.61
CA GLU A 151 -13.32 -23.90 33.64
C GLU A 151 -14.55 -23.02 33.81
N LYS A 152 -14.76 -22.10 32.87
CA LYS A 152 -15.88 -21.15 32.98
C LYS A 152 -17.10 -21.65 32.22
N ASP A 153 -18.30 -21.43 32.78
CA ASP A 153 -19.53 -21.86 32.10
C ASP A 153 -19.93 -20.83 31.05
N GLU A 154 -20.97 -21.15 30.29
CA GLU A 154 -21.42 -20.30 29.19
C GLU A 154 -21.89 -18.92 29.66
N THR A 155 -22.49 -18.87 30.84
CA THR A 155 -23.00 -17.61 31.36
C THR A 155 -21.86 -16.69 31.76
N THR A 156 -20.82 -17.24 32.39
CA THR A 156 -19.68 -16.41 32.77
C THR A 156 -19.01 -15.85 31.53
N ILE A 157 -18.76 -16.72 30.57
CA ILE A 157 -18.11 -16.30 29.34
C ILE A 157 -18.86 -15.15 28.67
N LEU A 158 -20.17 -15.28 28.53
CA LEU A 158 -20.96 -14.30 27.78
C LEU A 158 -21.24 -13.02 28.56
N GLN A 159 -21.25 -13.11 29.90
CA GLN A 159 -21.66 -11.98 30.71
C GLN A 159 -20.53 -11.34 31.49
N SER A 160 -19.39 -12.02 31.62
CA SER A 160 -18.26 -11.45 32.34
C SER A 160 -17.79 -10.16 31.68
N SER A 161 -17.37 -9.20 32.49
CA SER A 161 -16.79 -7.98 31.95
C SER A 161 -15.28 -8.17 31.75
N ASN A 162 -14.72 -9.21 32.38
CA ASN A 162 -13.32 -9.59 32.16
C ASN A 162 -12.34 -8.44 32.43
N GLU A 163 -12.48 -7.80 33.59
CA GLU A 163 -11.54 -6.75 34.01
C GLU A 163 -10.11 -7.27 34.03
N TYR A 164 -9.16 -6.41 33.64
CA TYR A 164 -7.75 -6.80 33.56
C TYR A 164 -7.57 -8.05 32.72
N PRO A 165 -7.92 -7.97 31.42
CA PRO A 165 -7.84 -9.14 30.54
C PRO A 165 -6.45 -9.74 30.48
N LEU A 166 -6.37 -11.06 30.56
CA LEU A 166 -5.10 -11.75 30.39
C LEU A 166 -4.92 -12.14 28.94
N GLY A 167 -4.07 -11.41 28.22
CA GLY A 167 -3.79 -11.71 26.83
C GLY A 167 -2.32 -11.96 26.54
N SER A 168 -1.95 -11.80 25.28
CA SER A 168 -0.61 -12.08 24.81
C SER A 168 0.03 -10.87 24.12
N GLY A 169 -0.73 -9.79 24.03
CA GLY A 169 -0.37 -8.65 23.21
C GLY A 169 0.62 -7.63 23.78
N PRO A 170 0.83 -6.53 23.04
CA PRO A 170 1.85 -5.53 23.40
C PRO A 170 1.49 -4.69 24.63
N TYR A 171 0.22 -4.66 25.04
CA TYR A 171 -0.19 -3.85 26.19
C TYR A 171 -0.99 -4.68 27.18
N VAL A 172 -1.10 -4.17 28.41
CA VAL A 172 -2.12 -4.65 29.35
C VAL A 172 -3.02 -3.50 29.75
N ALA A 173 -4.21 -3.84 30.26
CA ALA A 173 -5.11 -2.87 30.86
C ALA A 173 -4.43 -2.28 32.08
N HIS A 174 -4.44 -0.96 32.20
CA HIS A 174 -3.79 -0.32 33.32
C HIS A 174 -4.82 0.22 34.30
N SER A 175 -5.68 1.10 33.80
CA SER A 175 -6.70 1.73 34.63
C SER A 175 -7.73 2.38 33.71
N TRP A 176 -8.84 2.82 34.29
CA TRP A 176 -9.91 3.43 33.52
C TRP A 176 -10.82 4.21 34.45
N ASP A 177 -11.58 5.13 33.88
CA ASP A 177 -12.72 5.70 34.58
C ASP A 177 -13.83 5.93 33.57
N GLN A 178 -14.81 6.72 33.95
N GLN A 178 -14.82 6.71 33.96
CA GLN A 178 -15.97 7.00 33.12
CA GLN A 178 -15.98 7.00 33.13
C GLN A 178 -15.60 7.58 31.77
C GLN A 178 -15.59 7.58 31.76
N ASN A 179 -14.48 8.30 31.71
CA ASN A 179 -14.09 9.01 30.48
C ASN A 179 -12.76 8.66 29.82
N LYS A 180 -12.10 7.61 30.29
CA LYS A 180 -10.90 7.14 29.59
C LYS A 180 -10.53 5.69 29.94
N MET A 181 -9.87 5.04 29.00
CA MET A 181 -9.24 3.74 29.19
C MET A 181 -7.74 3.91 29.06
N ILE A 182 -6.97 3.39 30.01
CA ILE A 182 -5.53 3.48 29.93
C ILE A 182 -4.91 2.10 29.73
N PHE A 183 -4.08 1.98 28.70
CA PHE A 183 -3.29 0.78 28.49
C PHE A 183 -1.84 1.04 28.83
N GLU A 184 -1.19 0.07 29.46
CA GLU A 184 0.23 0.16 29.74
C GLU A 184 0.98 -0.88 28.93
N ARG A 185 2.10 -0.48 28.36
CA ARG A 185 2.91 -1.36 27.53
C ARG A 185 3.47 -2.55 28.31
N PHE A 186 3.35 -3.75 27.74
CA PHE A 186 3.90 -4.94 28.38
C PHE A 186 5.36 -5.13 27.93
N GLU A 187 6.31 -4.84 28.81
CA GLU A 187 7.72 -4.77 28.40
C GLU A 187 8.25 -6.12 27.94
N ASN A 188 7.75 -7.21 28.52
CA ASN A 188 8.26 -8.55 28.17
C ASN A 188 7.47 -9.18 27.03
N TRP A 189 6.80 -8.35 26.23
CA TRP A 189 5.99 -8.85 25.12
C TRP A 189 6.81 -9.72 24.18
N TRP A 190 6.30 -10.91 23.88
CA TRP A 190 6.98 -11.83 22.97
C TRP A 190 7.20 -11.16 21.61
N GLY A 191 6.25 -10.32 21.20
CA GLY A 191 6.28 -9.68 19.90
C GLY A 191 7.57 -8.94 19.63
N THR A 192 8.11 -8.27 20.64
CA THR A 192 9.34 -7.55 20.45
C THR A 192 10.53 -8.49 20.26
N LYS A 193 10.56 -9.59 21.03
CA LYS A 193 11.66 -10.55 20.94
C LYS A 193 11.69 -11.27 19.60
N VAL A 194 10.50 -11.57 19.10
CA VAL A 194 10.40 -12.37 17.89
C VAL A 194 10.31 -11.49 16.63
N MET A 195 9.43 -10.50 16.64
CA MET A 195 9.16 -9.71 15.43
C MET A 195 10.02 -8.45 15.35
N GLY A 196 10.62 -8.07 16.47
CA GLY A 196 11.52 -6.93 16.47
C GLY A 196 10.77 -5.62 16.36
N VAL A 197 9.48 -5.63 16.71
CA VAL A 197 8.73 -4.38 16.77
C VAL A 197 8.39 -4.03 18.22
N LYS A 198 8.25 -2.74 18.49
CA LYS A 198 7.96 -2.26 19.82
C LYS A 198 7.12 -0.99 19.76
N PRO A 199 5.95 -0.99 20.43
CA PRO A 199 5.09 0.19 20.42
C PRO A 199 5.78 1.34 21.16
N ALA A 200 5.89 2.50 20.53
CA ALA A 200 6.66 3.60 21.12
C ALA A 200 6.06 4.20 22.39
N PRO A 201 4.72 4.37 22.48
CA PRO A 201 4.23 4.94 23.74
C PRO A 201 4.17 3.92 24.87
N LYS A 202 4.69 4.26 26.04
CA LYS A 202 4.55 3.40 27.20
C LYS A 202 3.09 3.31 27.64
N TYR A 203 2.35 4.41 27.44
CA TYR A 203 0.93 4.46 27.75
C TYR A 203 0.10 4.87 26.55
N VAL A 204 -0.98 4.13 26.31
CA VAL A 204 -1.97 4.52 25.32
C VAL A 204 -3.27 4.80 26.07
N VAL A 205 -3.78 6.02 25.92
CA VAL A 205 -5.02 6.42 26.56
C VAL A 205 -6.13 6.57 25.51
N ILE A 206 -7.23 5.83 25.68
CA ILE A 206 -8.40 6.01 24.84
C ILE A 206 -9.29 7.05 25.48
N VAL A 207 -9.46 8.19 24.84
CA VAL A 207 -10.22 9.28 25.44
C VAL A 207 -11.69 9.29 25.01
N ARG A 208 -12.58 9.36 26.01
CA ARG A 208 -14.00 9.53 25.75
C ARG A 208 -14.40 10.99 25.88
N VAL A 209 -15.27 11.41 24.98
CA VAL A 209 -15.66 12.79 24.92
C VAL A 209 -17.17 12.86 24.60
N LEU A 210 -17.86 13.89 25.07
CA LEU A 210 -19.31 14.01 24.86
C LEU A 210 -19.71 14.21 23.39
N SER A 211 -18.88 14.94 22.65
N SER A 211 -18.88 14.95 22.66
CA SER A 211 -19.20 15.26 21.27
CA SER A 211 -19.21 15.39 21.30
C SER A 211 -17.94 15.62 20.50
C SER A 211 -17.95 15.67 20.50
N ASN A 212 -18.00 15.49 19.18
CA ASN A 212 -16.85 15.80 18.33
C ASN A 212 -16.22 17.17 18.61
N ASN A 213 -17.07 18.15 18.89
CA ASN A 213 -16.63 19.54 19.03
C ASN A 213 -15.58 19.66 20.12
N VAL A 214 -15.71 18.87 21.18
CA VAL A 214 -14.77 18.88 22.28
C VAL A 214 -13.35 18.49 21.82
N ALA A 215 -13.27 17.58 20.84
CA ALA A 215 -11.99 17.07 20.36
C ALA A 215 -11.11 18.15 19.77
N LEU A 216 -11.74 19.12 19.11
CA LEU A 216 -11.00 20.19 18.45
C LEU A 216 -10.12 20.95 19.45
N GLY A 217 -10.67 21.26 20.60
CA GLY A 217 -9.96 22.02 21.61
C GLY A 217 -8.79 21.21 22.12
N MET A 218 -9.02 19.92 22.32
CA MET A 218 -7.99 19.03 22.80
C MET A 218 -6.83 19.01 21.81
N LEU A 219 -7.16 18.97 20.52
CA LEU A 219 -6.15 18.90 19.47
C LEU A 219 -5.32 20.17 19.40
N MET A 220 -6.00 21.32 19.45
CA MET A 220 -5.31 22.61 19.42
C MET A 220 -4.33 22.80 20.57
N LYS A 221 -4.68 22.28 21.73
CA LYS A 221 -3.82 22.43 22.90
C LYS A 221 -2.85 21.27 23.05
N GLY A 222 -2.90 20.34 22.10
CA GLY A 222 -1.96 19.22 22.09
C GLY A 222 -2.27 18.20 23.17
N GLU A 223 -3.55 18.05 23.48
CA GLU A 223 -4.00 17.09 24.49
C GLU A 223 -4.49 15.81 23.82
N LEU A 224 -4.57 15.85 22.50
CA LEU A 224 -4.96 14.70 21.70
C LEU A 224 -3.89 14.51 20.64
N ASP A 225 -3.42 13.27 20.45
CA ASP A 225 -2.37 13.01 19.50
C ASP A 225 -2.91 12.40 18.23
N PHE A 226 -3.83 11.45 18.40
CA PHE A 226 -4.28 10.60 17.30
C PHE A 226 -5.81 10.60 17.37
N SER A 227 -6.40 11.35 16.43
CA SER A 227 -7.84 11.59 16.46
C SER A 227 -8.60 10.97 15.30
N ASN A 228 -9.58 10.12 15.63
CA ASN A 228 -10.53 9.65 14.63
C ASN A 228 -11.87 10.40 14.70
N PHE A 229 -11.94 11.48 15.48
CA PHE A 229 -13.17 12.28 15.50
C PHE A 229 -13.41 13.06 14.19
N MET A 230 -14.64 13.05 13.69
N MET A 230 -14.64 13.04 13.68
CA MET A 230 -14.94 13.90 12.53
CA MET A 230 -14.99 13.94 12.58
C MET A 230 -14.95 15.35 12.95
C MET A 230 -14.83 15.36 13.07
N LEU A 231 -14.13 16.17 12.28
CA LEU A 231 -14.03 17.60 12.54
C LEU A 231 -14.13 18.36 11.22
N PRO A 232 -14.82 19.50 11.22
CA PRO A 232 -14.99 20.29 9.98
C PRO A 232 -13.83 21.23 9.71
N GLY A 233 -13.86 21.92 8.58
CA GLY A 233 -12.90 22.95 8.24
C GLY A 233 -11.44 22.51 8.17
N VAL A 234 -11.21 21.33 7.61
CA VAL A 234 -9.88 20.73 7.51
C VAL A 234 -8.79 21.65 6.93
N PRO A 235 -9.05 22.36 5.81
CA PRO A 235 -8.02 23.30 5.31
C PRO A 235 -7.59 24.33 6.34
N ILE A 236 -8.56 24.80 7.13
CA ILE A 236 -8.28 25.80 8.15
C ILE A 236 -7.55 25.16 9.32
N LEU A 237 -7.92 23.91 9.64
CA LEU A 237 -7.23 23.17 10.69
C LEU A 237 -5.74 23.00 10.34
N LYS A 238 -5.47 22.71 9.08
N LYS A 238 -5.49 22.70 9.07
CA LYS A 238 -4.09 22.56 8.61
CA LYS A 238 -4.13 22.59 8.55
C LYS A 238 -3.33 23.90 8.60
C LYS A 238 -3.37 23.90 8.64
N LYS A 239 -3.88 24.91 7.94
CA LYS A 239 -3.20 26.19 7.78
C LYS A 239 -3.03 26.98 9.07
N VAL A 240 -4.10 27.06 9.87
CA VAL A 240 -4.09 27.87 11.07
C VAL A 240 -3.57 27.10 12.30
N TYR A 241 -3.97 25.85 12.46
CA TYR A 241 -3.65 25.17 13.72
C TYR A 241 -2.65 24.02 13.58
N ASN A 242 -2.08 23.87 12.38
CA ASN A 242 -1.09 22.85 12.09
C ASN A 242 -1.52 21.42 12.43
N LEU A 243 -2.79 21.11 12.18
CA LEU A 243 -3.29 19.76 12.35
C LEU A 243 -3.22 19.04 10.99
N ASN A 244 -2.77 17.79 10.99
CA ASN A 244 -2.50 17.11 9.73
C ASN A 244 -3.48 16.02 9.40
N THR A 245 -3.66 15.77 8.11
CA THR A 245 -4.54 14.71 7.64
C THR A 245 -3.76 13.78 6.71
N TRP A 246 -4.42 12.73 6.22
CA TRP A 246 -3.77 11.77 5.34
C TRP A 246 -3.38 12.42 4.02
N TYR A 247 -4.35 13.04 3.36
CA TYR A 247 -4.12 13.71 2.08
C TYR A 247 -3.95 15.22 2.28
N ASP A 248 -3.06 15.83 1.49
CA ASP A 248 -2.85 17.29 1.53
C ASP A 248 -4.08 18.03 1.01
N GLU A 249 -4.77 17.42 0.06
CA GLU A 249 -5.86 18.05 -0.69
C GLU A 249 -7.15 17.24 -0.49
N PRO A 250 -8.31 17.80 -0.91
CA PRO A 250 -9.56 17.02 -0.81
C PRO A 250 -9.41 15.64 -1.46
N PRO A 251 -10.02 14.59 -0.89
CA PRO A 251 -10.94 14.59 0.24
C PRO A 251 -10.29 14.55 1.63
N TYR A 252 -8.97 14.72 1.72
CA TYR A 252 -8.23 14.84 2.98
C TYR A 252 -8.12 13.55 3.79
N HIS A 253 -9.21 12.76 3.79
CA HIS A 253 -9.27 11.50 4.49
C HIS A 253 -9.44 10.31 3.55
N LEU A 254 -8.87 9.18 3.97
CA LEU A 254 -9.21 7.88 3.43
C LEU A 254 -10.71 7.61 3.63
N SER A 255 -11.31 6.72 2.82
CA SER A 255 -12.68 6.24 3.02
C SER A 255 -12.67 4.88 3.65
N SER A 256 -13.51 4.66 4.67
CA SER A 256 -13.46 3.42 5.43
C SER A 256 -14.78 2.63 5.42
N THR A 257 -15.91 3.31 5.22
CA THR A 257 -17.21 2.66 5.42
C THR A 257 -18.27 3.08 4.39
N VAL A 258 -19.31 2.28 4.29
CA VAL A 258 -20.50 2.69 3.56
C VAL A 258 -21.49 3.22 4.57
N VAL A 259 -21.81 4.51 4.47
CA VAL A 259 -22.76 5.11 5.40
C VAL A 259 -24.12 5.11 4.73
N GLY A 260 -25.14 4.59 5.42
CA GLY A 260 -26.47 4.57 4.84
C GLY A 260 -27.56 4.51 5.88
N LEU A 261 -28.78 4.21 5.43
CA LEU A 261 -29.91 4.08 6.34
C LEU A 261 -30.42 2.65 6.36
N PHE A 262 -30.48 2.07 7.56
CA PHE A 262 -31.26 0.86 7.77
C PHE A 262 -32.72 1.28 8.05
N LEU A 263 -33.65 0.46 7.57
CA LEU A 263 -35.08 0.71 7.78
C LEU A 263 -35.67 -0.50 8.48
N ASN A 264 -36.60 -0.26 9.39
CA ASN A 264 -37.29 -1.35 10.04
C ASN A 264 -38.23 -2.03 9.05
N ALA A 265 -37.81 -3.22 8.59
CA ALA A 265 -38.55 -3.89 7.53
C ALA A 265 -39.80 -4.60 8.07
N ARG A 266 -40.00 -4.53 9.39
CA ARG A 266 -41.12 -5.19 10.04
C ARG A 266 -42.19 -4.21 10.47
N LYS A 267 -41.99 -2.94 10.17
CA LYS A 267 -42.89 -1.88 10.60
C LYS A 267 -43.52 -1.14 9.42
N TYR A 268 -44.84 -1.23 9.31
CA TYR A 268 -45.59 -0.53 8.27
C TYR A 268 -45.48 0.98 8.47
N PRO A 269 -45.26 1.75 7.38
CA PRO A 269 -45.11 1.35 5.98
C PRO A 269 -43.66 1.09 5.54
N LEU A 270 -42.70 1.11 6.46
CA LEU A 270 -41.30 0.81 6.10
C LEU A 270 -41.13 -0.62 5.62
N SER A 271 -42.16 -1.44 5.84
CA SER A 271 -42.15 -2.84 5.45
C SER A 271 -42.46 -3.02 3.96
N LEU A 272 -42.90 -1.94 3.33
CA LEU A 272 -43.19 -1.93 1.90
C LEU A 272 -41.94 -1.61 1.12
N PRO A 273 -41.52 -2.52 0.22
CA PRO A 273 -40.34 -2.22 -0.62
C PRO A 273 -40.56 -0.93 -1.42
N GLU A 274 -41.79 -0.73 -1.86
CA GLU A 274 -42.11 0.43 -2.68
C GLU A 274 -41.95 1.72 -1.88
N PHE A 275 -42.34 1.69 -0.60
CA PHE A 275 -42.23 2.86 0.25
C PHE A 275 -40.75 3.16 0.49
N ARG A 276 -39.96 2.11 0.69
CA ARG A 276 -38.54 2.28 0.95
C ARG A 276 -37.85 2.90 -0.27
N ARG A 277 -38.27 2.48 -1.46
N ARG A 277 -38.27 2.47 -1.47
CA ARG A 277 -37.74 3.06 -2.69
CA ARG A 277 -37.75 3.03 -2.71
C ARG A 277 -38.03 4.55 -2.77
C ARG A 277 -38.04 4.54 -2.77
N ALA A 278 -39.25 4.92 -2.38
CA ALA A 278 -39.66 6.33 -2.40
C ALA A 278 -38.76 7.17 -1.48
N ILE A 279 -38.40 6.62 -0.33
CA ILE A 279 -37.46 7.28 0.58
C ILE A 279 -36.11 7.46 -0.11
N ALA A 280 -35.62 6.39 -0.72
CA ALA A 280 -34.32 6.42 -1.39
C ALA A 280 -34.29 7.45 -2.52
N MET A 281 -35.41 7.61 -3.22
CA MET A 281 -35.47 8.53 -4.35
C MET A 281 -35.70 9.97 -3.90
N SER A 282 -35.94 10.14 -2.60
CA SER A 282 -36.23 11.45 -2.03
C SER A 282 -35.01 12.10 -1.40
N ILE A 283 -33.97 11.29 -1.22
CA ILE A 283 -32.76 11.78 -0.57
C ILE A 283 -31.67 12.14 -1.57
N ASN A 284 -31.16 13.35 -1.45
CA ASN A 284 -30.06 13.80 -2.28
C ASN A 284 -28.82 13.97 -1.39
N ALA A 285 -27.84 13.08 -1.52
CA ALA A 285 -26.63 13.16 -0.70
C ALA A 285 -25.70 14.32 -1.06
N ASP A 286 -25.87 14.92 -2.25
CA ASP A 286 -25.01 16.03 -2.69
C ASP A 286 -24.80 17.13 -1.62
N PRO A 287 -25.89 17.70 -1.06
CA PRO A 287 -25.65 18.70 0.01
C PRO A 287 -24.97 18.12 1.25
N ILE A 288 -25.15 16.83 1.52
CA ILE A 288 -24.46 16.21 2.65
C ILE A 288 -22.97 16.15 2.36
N VAL A 289 -22.61 15.64 1.17
CA VAL A 289 -21.22 15.58 0.74
C VAL A 289 -20.57 16.98 0.69
N GLN A 290 -21.31 17.94 0.13
CA GLN A 290 -20.75 19.26 -0.14
C GLN A 290 -20.74 20.18 1.08
N ARG A 291 -21.82 20.17 1.86
CA ARG A 291 -21.96 21.14 2.94
C ARG A 291 -21.59 20.55 4.30
N VAL A 292 -22.12 19.39 4.64
CA VAL A 292 -21.78 18.76 5.92
C VAL A 292 -20.29 18.43 5.94
N TYR A 293 -19.80 17.79 4.89
CA TYR A 293 -18.43 17.31 4.86
C TYR A 293 -17.48 18.16 4.02
N GLU A 294 -18.02 19.20 3.37
CA GLU A 294 -17.19 20.12 2.59
C GLU A 294 -16.26 19.37 1.62
N GLY A 295 -16.82 18.37 0.93
CA GLY A 295 -16.04 17.56 0.01
C GLY A 295 -15.05 16.56 0.63
N ALA A 296 -15.08 16.36 1.94
CA ALA A 296 -14.14 15.40 2.56
C ALA A 296 -14.67 13.97 2.51
N VAL A 297 -15.76 13.73 1.79
CA VAL A 297 -16.25 12.37 1.53
C VAL A 297 -16.73 12.24 0.08
N LEU A 298 -16.88 10.99 -0.36
CA LEU A 298 -17.36 10.69 -1.71
C LEU A 298 -18.80 10.17 -1.66
N LYS A 299 -19.63 10.63 -2.59
CA LYS A 299 -21.02 10.18 -2.67
C LYS A 299 -21.13 8.72 -3.13
N ALA A 300 -22.12 7.98 -2.64
CA ALA A 300 -22.27 6.56 -2.97
C ALA A 300 -23.25 6.35 -4.12
N ASP A 301 -22.98 5.34 -4.94
CA ASP A 301 -23.93 4.99 -5.99
C ASP A 301 -24.93 4.02 -5.33
N PRO A 302 -26.00 3.63 -6.05
CA PRO A 302 -27.04 2.87 -5.33
C PRO A 302 -26.57 1.54 -4.72
N LEU A 303 -25.57 0.89 -5.32
CA LEU A 303 -25.07 -0.35 -4.73
C LEU A 303 -24.22 -0.07 -3.47
N GLY A 304 -23.37 0.95 -3.53
CA GLY A 304 -22.56 1.32 -2.38
C GLY A 304 -21.27 0.52 -2.14
N PHE A 305 -20.66 -0.04 -3.18
CA PHE A 305 -19.33 -0.66 -3.04
C PHE A 305 -18.27 0.42 -2.80
N LEU A 306 -17.49 0.28 -1.73
CA LEU A 306 -16.34 1.16 -1.48
C LEU A 306 -15.39 1.23 -2.67
N PRO A 307 -15.24 2.44 -3.25
CA PRO A 307 -14.45 2.63 -4.47
C PRO A 307 -12.97 2.31 -4.27
N ASN A 308 -12.49 2.40 -3.03
CA ASN A 308 -11.08 2.09 -2.73
C ASN A 308 -10.88 0.67 -2.22
N SER A 309 -11.93 -0.16 -2.31
CA SER A 309 -11.87 -1.52 -1.77
C SER A 309 -11.67 -2.58 -2.84
N VAL A 310 -11.31 -3.80 -2.41
CA VAL A 310 -11.18 -4.92 -3.33
C VAL A 310 -12.57 -5.41 -3.81
N TRP A 311 -13.64 -4.89 -3.22
CA TRP A 311 -14.99 -5.26 -3.71
C TRP A 311 -15.16 -4.82 -5.16
N MET A 312 -14.51 -3.72 -5.54
CA MET A 312 -14.58 -3.20 -6.91
C MET A 312 -14.06 -4.19 -7.94
N LYS A 313 -13.27 -5.16 -7.47
CA LYS A 313 -12.77 -6.21 -8.34
C LYS A 313 -13.96 -7.02 -8.83
N TYR A 314 -15.04 -7.01 -8.06
CA TYR A 314 -16.22 -7.83 -8.35
C TYR A 314 -17.48 -7.02 -8.61
N TYR A 315 -17.30 -5.78 -9.07
CA TYR A 315 -18.41 -4.83 -9.24
C TYR A 315 -19.37 -5.24 -10.34
N PRO A 316 -20.65 -5.51 -9.98
CA PRO A 316 -21.67 -5.91 -10.98
C PRO A 316 -22.26 -4.70 -11.72
N LYS A 317 -21.50 -4.19 -12.68
CA LYS A 317 -21.78 -2.90 -13.30
C LYS A 317 -23.16 -2.85 -13.96
N GLU A 318 -23.48 -3.87 -14.74
CA GLU A 318 -24.71 -3.88 -15.51
C GLU A 318 -25.93 -3.87 -14.57
N VAL A 319 -25.80 -4.59 -13.46
CA VAL A 319 -26.90 -4.69 -12.50
C VAL A 319 -27.23 -3.33 -11.89
N VAL A 320 -26.19 -2.56 -11.56
CA VAL A 320 -26.41 -1.27 -10.92
C VAL A 320 -27.05 -0.29 -11.89
N GLU A 321 -26.59 -0.30 -13.13
CA GLU A 321 -27.14 0.58 -14.16
C GLU A 321 -28.58 0.25 -14.49
N LYS A 322 -28.96 -1.02 -14.34
CA LYS A 322 -30.30 -1.46 -14.68
C LYS A 322 -31.29 -1.27 -13.53
N HIS A 323 -30.86 -1.60 -12.31
CA HIS A 323 -31.78 -1.65 -11.17
C HIS A 323 -31.57 -0.60 -10.08
N GLY A 324 -30.51 0.19 -10.18
CA GLY A 324 -30.23 1.21 -9.18
C GLY A 324 -31.27 2.32 -9.14
N PHE A 325 -31.35 3.01 -8.01
CA PHE A 325 -32.19 4.18 -7.89
C PHE A 325 -31.37 5.47 -8.07
N LYS A 326 -32.07 6.58 -8.19
CA LYS A 326 -31.41 7.88 -8.14
C LYS A 326 -32.34 8.85 -7.41
N TYR A 327 -31.78 9.99 -7.02
CA TYR A 327 -32.55 11.08 -6.47
C TYR A 327 -33.56 11.57 -7.51
N ASP A 328 -34.84 11.37 -7.22
CA ASP A 328 -35.89 11.73 -8.16
C ASP A 328 -37.20 11.98 -7.40
N PRO A 329 -37.30 13.15 -6.73
CA PRO A 329 -38.42 13.40 -5.81
C PRO A 329 -39.79 13.41 -6.50
N GLU A 330 -39.88 13.85 -7.76
CA GLU A 330 -41.16 13.86 -8.45
C GLU A 330 -41.64 12.42 -8.65
N GLU A 331 -40.73 11.55 -9.06
CA GLU A 331 -41.06 10.14 -9.21
C GLU A 331 -41.32 9.48 -7.85
N ALA A 332 -40.64 9.95 -6.81
CA ALA A 332 -40.95 9.50 -5.46
C ALA A 332 -42.41 9.81 -5.09
N LYS A 333 -42.87 11.02 -5.41
CA LYS A 333 -44.25 11.40 -5.15
C LYS A 333 -45.23 10.56 -5.96
N SER A 334 -44.84 10.25 -7.19
CA SER A 334 -45.70 9.50 -8.09
C SER A 334 -45.90 8.09 -7.56
N ILE A 335 -44.84 7.51 -7.02
CA ILE A 335 -44.88 6.19 -6.41
C ILE A 335 -45.81 6.18 -5.22
N LEU A 336 -45.62 7.14 -4.32
CA LEU A 336 -46.45 7.26 -3.12
C LEU A 336 -47.94 7.46 -3.44
N ASP A 337 -48.23 8.31 -4.43
CA ASP A 337 -49.61 8.52 -4.87
C ASP A 337 -50.28 7.21 -5.29
N LYS A 338 -49.63 6.49 -6.19
CA LYS A 338 -50.16 5.25 -6.75
C LYS A 338 -50.38 4.20 -5.67
N LEU A 339 -49.63 4.29 -4.58
CA LEU A 339 -49.78 3.37 -3.47
C LEU A 339 -50.90 3.80 -2.53
N GLY A 340 -51.45 4.98 -2.78
CA GLY A 340 -52.52 5.52 -1.94
C GLY A 340 -52.04 6.29 -0.73
N PHE A 341 -50.74 6.59 -0.68
CA PHE A 341 -50.18 7.41 0.39
C PHE A 341 -50.34 8.90 0.10
N ARG A 342 -51.47 9.46 0.54
CA ARG A 342 -51.83 10.83 0.22
C ARG A 342 -52.16 11.65 1.46
N ASP A 343 -52.06 12.97 1.31
CA ASP A 343 -52.34 13.90 2.39
C ASP A 343 -53.83 14.19 2.49
N VAL A 344 -54.48 13.65 3.52
CA VAL A 344 -55.93 13.81 3.67
C VAL A 344 -56.30 14.81 4.76
N ASN A 345 -55.35 15.25 5.56
CA ASN A 345 -55.64 16.24 6.61
C ASN A 345 -55.02 17.61 6.32
N GLY A 346 -54.28 17.71 5.21
CA GLY A 346 -53.75 18.98 4.75
C GLY A 346 -52.53 19.51 5.46
N ASP A 347 -51.78 18.66 6.17
CA ASP A 347 -50.60 19.15 6.88
C ASP A 347 -49.34 18.94 6.05
N GLY A 348 -49.51 18.57 4.78
CA GLY A 348 -48.39 18.39 3.88
C GLY A 348 -47.77 17.01 3.97
N PHE A 349 -48.17 16.24 4.98
CA PHE A 349 -47.65 14.88 5.15
C PHE A 349 -48.62 13.83 4.60
N ARG A 350 -48.08 12.81 3.97
CA ARG A 350 -48.93 11.76 3.42
C ARG A 350 -49.32 10.76 4.51
N GLU A 351 -50.60 10.42 4.53
CA GLU A 351 -51.11 9.39 5.43
C GLU A 351 -51.11 8.05 4.72
N THR A 352 -51.41 6.98 5.46
CA THR A 352 -51.55 5.66 4.85
C THR A 352 -52.80 5.64 3.98
N PRO A 353 -52.92 4.63 3.09
CA PRO A 353 -54.15 4.45 2.32
C PRO A 353 -55.42 4.38 3.18
N ASP A 354 -55.28 3.99 4.44
CA ASP A 354 -56.41 3.95 5.37
C ASP A 354 -56.53 5.22 6.22
N GLY A 355 -55.81 6.27 5.82
CA GLY A 355 -55.91 7.57 6.49
C GLY A 355 -55.20 7.66 7.83
N LYS A 356 -54.31 6.72 8.10
CA LYS A 356 -53.53 6.72 9.33
C LYS A 356 -52.31 7.62 9.18
N PRO A 357 -52.02 8.43 10.21
CA PRO A 357 -50.83 9.28 10.11
C PRO A 357 -49.55 8.44 10.06
N ILE A 358 -48.50 9.02 9.48
CA ILE A 358 -47.20 8.37 9.34
C ILE A 358 -46.12 9.28 9.89
N LYS A 359 -45.41 8.80 10.91
CA LYS A 359 -44.32 9.57 11.47
C LYS A 359 -43.20 8.60 11.78
N LEU A 360 -42.04 8.86 11.20
CA LEU A 360 -40.92 7.95 11.33
C LEU A 360 -39.75 8.61 12.06
N THR A 361 -39.24 7.95 13.09
N THR A 361 -39.27 7.96 13.11
CA THR A 361 -38.06 8.45 13.78
CA THR A 361 -38.06 8.41 13.79
C THR A 361 -36.81 8.15 12.97
C THR A 361 -36.85 8.19 12.88
N ILE A 362 -35.89 9.11 12.92
CA ILE A 362 -34.62 8.92 12.22
C ILE A 362 -33.47 9.24 13.18
N GLU A 363 -32.54 8.30 13.38
CA GLU A 363 -31.62 8.43 14.50
C GLU A 363 -30.13 8.14 14.23
N CYS A 364 -29.30 8.77 15.06
CA CYS A 364 -27.86 8.56 15.09
C CYS A 364 -27.41 8.91 16.50
N PRO A 365 -26.15 8.60 16.86
CA PRO A 365 -25.78 8.96 18.24
C PRO A 365 -25.64 10.46 18.47
N TYR A 366 -26.07 10.91 19.65
CA TYR A 366 -25.74 12.25 20.10
C TYR A 366 -24.23 12.47 20.04
N GLY A 367 -23.80 13.66 19.63
CA GLY A 367 -22.38 13.98 19.65
C GLY A 367 -21.67 13.62 18.35
N TRP A 368 -22.30 12.83 17.50
CA TRP A 368 -21.72 12.57 16.18
C TRP A 368 -22.20 13.68 15.26
N THR A 369 -21.54 14.82 15.36
CA THR A 369 -22.05 16.10 14.84
C THR A 369 -22.39 16.06 13.35
N ASP A 370 -21.54 15.38 12.57
CA ASP A 370 -21.74 15.28 11.14
C ASP A 370 -22.99 14.48 10.79
N TRP A 371 -23.25 13.41 11.54
CA TRP A 371 -24.46 12.63 11.27
C TRP A 371 -25.71 13.32 11.79
N MET A 372 -25.59 14.08 12.86
CA MET A 372 -26.72 14.88 13.33
C MET A 372 -27.15 15.90 12.25
N GLN A 373 -26.17 16.56 11.63
CA GLN A 373 -26.45 17.50 10.54
C GLN A 373 -27.03 16.79 9.30
N ALA A 374 -26.40 15.69 8.90
CA ALA A 374 -26.88 14.92 7.76
C ALA A 374 -28.32 14.48 7.99
N ILE A 375 -28.65 14.12 9.22
CA ILE A 375 -29.99 13.66 9.51
C ILE A 375 -31.00 14.79 9.28
N GLN A 376 -30.68 16.01 9.71
CA GLN A 376 -31.62 17.11 9.48
C GLN A 376 -31.75 17.43 7.99
N VAL A 377 -30.68 17.28 7.23
CA VAL A 377 -30.76 17.45 5.78
C VAL A 377 -31.78 16.46 5.21
N ILE A 378 -31.69 15.20 5.63
CA ILE A 378 -32.64 14.16 5.24
C ILE A 378 -34.08 14.46 5.70
N VAL A 379 -34.24 14.93 6.93
CA VAL A 379 -35.57 15.30 7.43
C VAL A 379 -36.20 16.38 6.51
N ASP A 380 -35.40 17.40 6.20
CA ASP A 380 -35.83 18.49 5.31
C ASP A 380 -36.15 17.99 3.90
N GLN A 381 -35.39 17.01 3.42
CA GLN A 381 -35.65 16.46 2.10
C GLN A 381 -36.91 15.58 2.08
N LEU A 382 -37.10 14.81 3.14
CA LEU A 382 -38.28 13.97 3.24
C LEU A 382 -39.54 14.84 3.39
N LYS A 383 -39.40 15.94 4.12
CA LYS A 383 -40.49 16.90 4.29
C LYS A 383 -41.15 17.32 2.97
N VAL A 384 -40.36 17.59 1.94
CA VAL A 384 -40.93 18.12 0.72
C VAL A 384 -41.49 17.03 -0.19
N VAL A 385 -41.40 15.78 0.21
CA VAL A 385 -42.17 14.74 -0.49
C VAL A 385 -43.29 14.22 0.41
N GLY A 386 -43.50 14.90 1.53
CA GLY A 386 -44.62 14.59 2.41
C GLY A 386 -44.39 13.38 3.30
N ILE A 387 -43.13 13.12 3.62
CA ILE A 387 -42.78 12.09 4.59
C ILE A 387 -42.27 12.76 5.87
N ASN A 388 -42.94 12.45 6.97
CA ASN A 388 -42.67 13.09 8.25
C ASN A 388 -41.62 12.33 9.04
N ALA A 389 -40.38 12.81 8.96
CA ALA A 389 -39.26 12.17 9.65
C ALA A 389 -38.84 13.01 10.86
N GLU A 390 -38.69 12.35 12.00
CA GLU A 390 -38.49 13.03 13.29
C GLU A 390 -37.11 12.69 13.85
N PRO A 391 -36.20 13.68 13.90
CA PRO A 391 -34.82 13.39 14.28
C PRO A 391 -34.70 13.05 15.77
N TYR A 392 -33.87 12.05 16.07
CA TYR A 392 -33.71 11.59 17.43
C TYR A 392 -32.24 11.28 17.64
N PHE A 393 -31.65 11.86 18.69
CA PHE A 393 -30.22 11.71 18.94
C PHE A 393 -29.94 11.13 20.33
N PRO A 394 -30.20 9.83 20.50
CA PRO A 394 -29.95 9.18 21.80
C PRO A 394 -28.46 9.04 22.10
N ASP A 395 -28.10 8.83 23.36
CA ASP A 395 -26.74 8.41 23.70
C ASP A 395 -26.31 7.23 22.84
N SER A 396 -25.02 7.16 22.56
CA SER A 396 -24.45 6.10 21.77
C SER A 396 -24.87 4.71 22.30
N SER A 397 -24.83 4.53 23.62
CA SER A 397 -25.18 3.24 24.21
C SER A 397 -26.61 2.84 23.82
N LYS A 398 -27.53 3.79 23.87
CA LYS A 398 -28.91 3.53 23.47
C LYS A 398 -29.07 3.37 21.95
N TYR A 399 -28.34 4.15 21.17
CA TYR A 399 -28.31 4.00 19.71
C TYR A 399 -27.96 2.56 19.29
N TYR A 400 -26.93 2.00 19.89
CA TYR A 400 -26.51 0.63 19.60
C TYR A 400 -27.49 -0.42 20.14
N GLU A 401 -28.07 -0.16 21.29
CA GLU A 401 -29.07 -1.08 21.84
C GLU A 401 -30.24 -1.15 20.85
N ASN A 402 -30.68 0.01 20.39
CA ASN A 402 -31.73 0.10 19.39
C ASN A 402 -31.38 -0.69 18.14
N MET A 403 -30.14 -0.49 17.66
CA MET A 403 -29.64 -1.17 16.47
C MET A 403 -29.74 -2.67 16.60
N TYR A 404 -29.18 -3.19 17.70
CA TYR A 404 -29.10 -4.63 17.91
C TYR A 404 -30.47 -5.29 18.12
N LYS A 405 -31.37 -4.58 18.80
CA LYS A 405 -32.72 -5.10 19.05
C LYS A 405 -33.68 -4.80 17.89
N GLY A 406 -33.26 -3.92 16.98
CA GLY A 406 -34.10 -3.52 15.87
C GLY A 406 -35.21 -2.58 16.28
N GLU A 407 -34.99 -1.82 17.36
CA GLU A 407 -36.00 -0.89 17.84
C GLU A 407 -35.72 0.51 17.30
N PHE A 408 -36.02 0.69 16.02
CA PHE A 408 -35.88 1.97 15.34
C PHE A 408 -36.81 1.99 14.14
N ASP A 409 -37.00 3.18 13.56
CA ASP A 409 -37.72 3.31 12.30
C ASP A 409 -36.71 3.43 11.18
N ILE A 410 -36.06 4.60 11.13
CA ILE A 410 -34.99 4.88 10.21
C ILE A 410 -33.71 5.13 11.01
N GLU A 411 -32.62 4.51 10.60
CA GLU A 411 -31.40 4.59 11.37
C GLU A 411 -30.19 4.80 10.50
N MET A 412 -29.47 5.88 10.72
CA MET A 412 -28.22 6.11 10.00
C MET A 412 -27.18 5.14 10.57
N ASN A 413 -26.38 4.52 9.69
CA ASN A 413 -25.62 3.33 10.08
C ASN A 413 -24.36 3.12 9.22
N ALA A 414 -23.26 2.73 9.87
CA ALA A 414 -22.04 2.36 9.16
C ALA A 414 -21.36 1.23 9.94
N ASN A 415 -22.19 0.37 10.53
CA ASN A 415 -21.74 -0.68 11.41
C ASN A 415 -21.62 -1.98 10.64
N GLY A 416 -20.39 -2.35 10.30
CA GLY A 416 -20.17 -3.59 9.58
C GLY A 416 -19.97 -3.36 8.09
N THR A 417 -20.09 -2.11 7.66
CA THR A 417 -19.92 -1.82 6.24
C THR A 417 -18.51 -1.34 5.92
N GLY A 418 -17.55 -1.72 6.76
CA GLY A 418 -16.19 -1.21 6.63
C GLY A 418 -15.42 -1.97 5.57
N ILE A 419 -14.40 -1.31 5.02
CA ILE A 419 -13.49 -1.93 4.06
C ILE A 419 -12.99 -3.32 4.55
N SER A 420 -12.88 -4.27 3.63
CA SER A 420 -12.54 -5.63 4.01
C SER A 420 -11.98 -6.37 2.82
N SER A 421 -11.64 -7.64 3.03
CA SER A 421 -11.03 -8.46 1.99
C SER A 421 -12.08 -9.03 1.02
N THR A 422 -13.36 -8.72 1.21
CA THR A 422 -14.41 -9.34 0.39
C THR A 422 -15.76 -8.64 0.51
N PRO A 423 -16.46 -8.49 -0.63
CA PRO A 423 -17.79 -7.86 -0.61
C PRO A 423 -18.79 -8.70 0.18
N TRP A 424 -18.42 -9.94 0.50
CA TRP A 424 -19.26 -10.76 1.35
C TRP A 424 -19.53 -10.07 2.69
N THR A 425 -18.56 -9.34 3.23
CA THR A 425 -18.80 -8.71 4.53
C THR A 425 -19.89 -7.64 4.41
N TYR A 426 -19.93 -6.98 3.27
CA TYR A 426 -20.91 -5.92 3.02
C TYR A 426 -22.31 -6.53 2.91
N PHE A 427 -22.45 -7.56 2.08
CA PHE A 427 -23.77 -8.18 1.87
C PHE A 427 -24.23 -8.93 3.12
N ASN A 428 -23.29 -9.51 3.87
CA ASN A 428 -23.63 -10.17 5.12
C ASN A 428 -24.15 -9.17 6.16
N THR A 429 -23.53 -7.99 6.23
CA THR A 429 -23.95 -6.97 7.18
C THR A 429 -25.36 -6.47 6.87
N ILE A 430 -25.66 -6.33 5.57
CA ILE A 430 -26.99 -5.91 5.13
C ILE A 430 -28.04 -7.01 5.34
N PHE A 431 -27.74 -8.22 4.87
CA PHE A 431 -28.75 -9.27 4.79
C PHE A 431 -28.79 -10.27 5.95
N TYR A 432 -27.74 -10.28 6.78
CA TYR A 432 -27.56 -11.21 7.92
C TYR A 432 -28.83 -11.99 8.34
N PRO A 433 -29.07 -13.12 7.68
CA PRO A 433 -30.34 -13.85 7.82
C PRO A 433 -30.66 -14.23 9.27
N ASP A 434 -29.65 -14.54 10.06
CA ASP A 434 -29.86 -15.00 11.44
C ASP A 434 -30.35 -13.90 12.38
N ALA A 435 -30.42 -12.68 11.89
CA ALA A 435 -30.98 -11.60 12.68
C ALA A 435 -32.44 -11.90 13.02
N LEU A 436 -33.13 -12.58 12.10
CA LEU A 436 -34.56 -12.85 12.25
C LEU A 436 -34.85 -13.77 13.43
N GLU A 437 -33.83 -14.49 13.89
CA GLU A 437 -34.00 -15.41 15.00
C GLU A 437 -33.24 -14.95 16.23
N SER A 438 -32.94 -13.65 16.28
CA SER A 438 -32.10 -13.09 17.33
C SER A 438 -32.72 -11.87 18.01
N GLU A 439 -32.73 -11.89 19.34
CA GLU A 439 -33.13 -10.72 20.10
C GLU A 439 -32.15 -9.59 19.84
N PHE A 440 -30.86 -9.90 19.98
CA PHE A 440 -29.77 -9.01 19.63
C PHE A 440 -29.08 -9.50 18.37
N SER A 441 -29.08 -8.68 17.33
CA SER A 441 -28.30 -8.95 16.13
C SER A 441 -27.15 -7.97 16.04
N TYR A 442 -25.95 -8.45 16.33
CA TYR A 442 -24.78 -7.58 16.34
C TYR A 442 -24.19 -7.47 14.94
N THR A 443 -24.46 -8.48 14.12
CA THR A 443 -23.75 -8.64 12.86
C THR A 443 -24.35 -7.81 11.72
N GLY A 444 -25.67 -7.64 11.72
CA GLY A 444 -26.29 -6.90 10.64
C GLY A 444 -27.76 -7.19 10.46
N ASN A 445 -28.30 -6.80 9.31
CA ASN A 445 -29.72 -6.92 9.03
C ASN A 445 -30.54 -6.41 10.23
N TYR A 446 -30.17 -5.22 10.69
CA TYR A 446 -30.67 -4.70 11.95
C TYR A 446 -32.17 -4.41 11.90
N GLY A 447 -32.66 -4.10 10.70
CA GLY A 447 -34.10 -3.90 10.50
C GLY A 447 -34.90 -5.16 10.22
N ARG A 448 -34.24 -6.32 10.24
CA ARG A 448 -34.94 -7.61 10.14
C ARG A 448 -35.67 -7.79 8.80
N TYR A 449 -34.94 -7.53 7.72
CA TYR A 449 -35.42 -7.79 6.37
C TYR A 449 -35.42 -9.29 6.11
N GLN A 450 -36.49 -9.80 5.50
CA GLN A 450 -36.59 -11.22 5.21
C GLN A 450 -36.64 -11.45 3.70
N ASN A 451 -35.90 -12.44 3.23
CA ASN A 451 -35.90 -12.82 1.82
C ASN A 451 -35.43 -14.26 1.70
N PRO A 452 -36.18 -15.07 0.95
CA PRO A 452 -35.91 -16.52 0.86
C PRO A 452 -34.70 -16.88 0.00
N GLU A 453 -34.21 -15.96 -0.83
CA GLU A 453 -33.06 -16.27 -1.69
C GLU A 453 -31.72 -15.89 -1.08
N VAL A 454 -31.68 -14.84 -0.27
CA VAL A 454 -30.40 -14.24 0.11
C VAL A 454 -29.50 -15.17 0.90
N GLU A 455 -30.05 -15.99 1.78
CA GLU A 455 -29.20 -16.85 2.61
C GLU A 455 -28.42 -17.82 1.74
N SER A 456 -29.11 -18.43 0.78
CA SER A 456 -28.47 -19.32 -0.19
C SER A 456 -27.42 -18.58 -1.03
N LEU A 457 -27.76 -17.37 -1.48
CA LEU A 457 -26.83 -16.56 -2.26
C LEU A 457 -25.60 -16.16 -1.45
N LEU A 458 -25.81 -15.79 -0.19
CA LEU A 458 -24.70 -15.41 0.69
C LEU A 458 -23.75 -16.57 0.89
N GLU A 459 -24.31 -17.76 1.04
CA GLU A 459 -23.49 -18.95 1.26
C GLU A 459 -22.72 -19.30 0.01
N GLU A 460 -23.39 -19.22 -1.14
N GLU A 460 -23.38 -19.21 -1.14
CA GLU A 460 -22.79 -19.55 -2.42
CA GLU A 460 -22.74 -19.57 -2.40
C GLU A 460 -21.61 -18.62 -2.72
C GLU A 460 -21.59 -18.62 -2.71
N LEU A 461 -21.78 -17.35 -2.39
CA LEU A 461 -20.72 -16.37 -2.55
C LEU A 461 -19.56 -16.75 -1.62
N ASN A 462 -19.89 -16.99 -0.35
CA ASN A 462 -18.94 -17.36 0.68
C ASN A 462 -18.05 -18.55 0.30
N ARG A 463 -18.63 -19.55 -0.36
CA ARG A 463 -17.88 -20.76 -0.68
C ARG A 463 -17.20 -20.68 -2.05
N THR A 464 -17.29 -19.53 -2.71
CA THR A 464 -16.63 -19.34 -3.99
C THR A 464 -15.22 -18.77 -3.80
N PRO A 465 -14.20 -19.47 -4.31
CA PRO A 465 -12.81 -18.96 -4.27
C PRO A 465 -12.73 -17.52 -4.78
N LEU A 466 -11.95 -16.69 -4.10
CA LEU A 466 -11.90 -15.27 -4.42
C LEU A 466 -11.32 -15.02 -5.82
N ASP A 467 -10.58 -15.99 -6.34
CA ASP A 467 -9.97 -15.81 -7.65
C ASP A 467 -10.91 -16.19 -8.79
N ASN A 468 -12.09 -16.72 -8.48
CA ASN A 468 -13.09 -16.93 -9.53
C ASN A 468 -13.90 -15.63 -9.69
N VAL A 469 -13.30 -14.68 -10.39
CA VAL A 469 -13.84 -13.34 -10.53
C VAL A 469 -15.22 -13.38 -11.16
N GLU A 470 -15.37 -14.18 -12.21
CA GLU A 470 -16.63 -14.27 -12.92
C GLU A 470 -17.77 -14.67 -11.98
N LYS A 471 -17.54 -15.69 -11.15
CA LYS A 471 -18.61 -16.22 -10.31
C LYS A 471 -18.90 -15.34 -9.09
N VAL A 472 -17.87 -14.83 -8.45
CA VAL A 472 -18.04 -13.88 -7.37
C VAL A 472 -18.81 -12.66 -7.90
N THR A 473 -18.45 -12.21 -9.08
CA THR A 473 -19.11 -11.03 -9.65
C THR A 473 -20.59 -11.31 -9.90
N GLU A 474 -20.88 -12.50 -10.43
CA GLU A 474 -22.26 -12.88 -10.74
C GLU A 474 -23.09 -12.93 -9.46
N LEU A 475 -22.50 -13.48 -8.41
CA LEU A 475 -23.19 -13.57 -7.14
C LEU A 475 -23.35 -12.20 -6.48
N CYS A 476 -22.40 -11.30 -6.68
CA CYS A 476 -22.55 -9.94 -6.18
C CYS A 476 -23.67 -9.24 -6.93
N GLY A 477 -23.83 -9.57 -8.21
CA GLY A 477 -24.93 -9.07 -9.01
C GLY A 477 -26.28 -9.55 -8.51
N LYS A 478 -26.39 -10.85 -8.22
CA LYS A 478 -27.64 -11.40 -7.72
C LYS A 478 -27.98 -10.81 -6.35
N LEU A 479 -26.98 -10.69 -5.50
CA LEU A 479 -27.19 -10.08 -4.20
C LEU A 479 -27.49 -8.58 -4.33
N GLY A 480 -26.79 -7.92 -5.25
CA GLY A 480 -26.94 -6.49 -5.44
C GLY A 480 -28.31 -6.22 -6.02
N GLU A 481 -28.80 -7.16 -6.81
CA GLU A 481 -30.08 -7.00 -7.47
C GLU A 481 -31.19 -6.94 -6.44
N ILE A 482 -31.15 -7.86 -5.50
CA ILE A 482 -32.06 -7.86 -4.36
C ILE A 482 -31.92 -6.58 -3.53
N LEU A 483 -30.68 -6.17 -3.26
CA LEU A 483 -30.45 -4.96 -2.47
C LEU A 483 -31.08 -3.74 -3.12
N LEU A 484 -30.88 -3.59 -4.43
CA LEU A 484 -31.40 -2.43 -5.16
C LEU A 484 -32.91 -2.46 -5.35
N LYS A 485 -33.49 -3.66 -5.38
CA LYS A 485 -34.93 -3.82 -5.58
C LYS A 485 -35.72 -3.64 -4.30
N ASP A 486 -35.19 -4.16 -3.20
CA ASP A 486 -35.94 -4.17 -1.94
C ASP A 486 -35.46 -3.15 -0.94
N LEU A 487 -34.29 -2.58 -1.21
CA LEU A 487 -33.69 -1.51 -0.38
C LEU A 487 -33.89 -1.67 1.13
N PRO A 488 -33.41 -2.79 1.70
CA PRO A 488 -33.40 -2.93 3.17
C PRO A 488 -32.40 -1.97 3.82
N PHE A 489 -31.41 -1.57 3.03
CA PHE A 489 -30.36 -0.62 3.41
C PHE A 489 -30.16 0.32 2.23
N ILE A 490 -30.15 1.62 2.49
CA ILE A 490 -29.91 2.62 1.46
C ILE A 490 -28.55 3.26 1.61
N PRO A 491 -27.58 2.88 0.75
CA PRO A 491 -26.27 3.54 0.71
C PRO A 491 -26.39 5.03 0.39
N LEU A 492 -25.62 5.88 1.06
CA LEU A 492 -25.71 7.33 0.83
C LEU A 492 -24.35 7.95 0.50
N TRP A 493 -23.32 7.66 1.30
CA TRP A 493 -21.96 8.12 0.98
C TRP A 493 -20.92 7.22 1.62
N TYR A 494 -19.66 7.40 1.24
CA TYR A 494 -18.57 6.64 1.83
C TYR A 494 -17.98 7.43 2.98
N GLY A 495 -18.11 6.88 4.20
CA GLY A 495 -17.65 7.54 5.40
C GLY A 495 -16.16 7.85 5.33
N ALA A 496 -15.79 9.04 5.79
CA ALA A 496 -14.39 9.39 5.87
C ALA A 496 -13.73 8.65 7.02
N MET A 497 -12.54 8.12 6.77
CA MET A 497 -11.69 7.57 7.82
C MET A 497 -11.00 8.77 8.47
N ALA A 498 -11.75 9.53 9.24
CA ALA A 498 -11.26 10.78 9.83
C ALA A 498 -10.00 10.48 10.65
N PHE A 499 -8.91 11.19 10.34
CA PHE A 499 -7.62 10.92 10.97
C PHE A 499 -6.84 12.21 10.99
N ILE A 500 -6.76 12.80 12.17
CA ILE A 500 -6.11 14.08 12.34
C ILE A 500 -5.10 13.98 13.47
N THR A 501 -3.89 14.47 13.21
CA THR A 501 -2.81 14.36 14.18
C THR A 501 -2.12 15.69 14.39
N GLN A 502 -1.36 15.75 15.49
CA GLN A 502 -0.55 16.89 15.92
C GLN A 502 0.82 16.34 16.36
N ASP A 503 1.91 17.05 16.06
CA ASP A 503 3.27 16.50 16.26
C ASP A 503 4.10 17.00 17.44
N ASN A 504 3.49 17.66 18.41
CA ASN A 504 4.30 18.20 19.50
C ASN A 504 4.82 17.12 20.46
N VAL A 505 4.26 15.91 20.42
CA VAL A 505 4.74 14.84 21.30
C VAL A 505 5.20 13.60 20.51
N TRP A 506 4.44 13.24 19.49
CA TRP A 506 4.76 12.10 18.63
C TRP A 506 4.79 12.52 17.16
N THR A 507 5.75 11.98 16.40
CA THR A 507 5.85 12.25 14.97
C THR A 507 5.92 10.95 14.18
N ASN A 508 6.03 11.09 12.86
CA ASN A 508 6.14 9.98 11.91
C ASN A 508 4.83 9.18 11.73
N TRP A 509 3.71 9.89 11.91
CA TRP A 509 2.39 9.38 11.52
C TRP A 509 2.39 9.00 10.04
N PRO A 510 1.56 8.01 9.66
CA PRO A 510 1.51 7.77 8.21
C PRO A 510 0.67 8.85 7.53
N ASN A 511 0.94 9.10 6.26
CA ASN A 511 0.05 9.91 5.45
C ASN A 511 0.28 9.53 3.98
N GLU A 512 -0.24 10.32 3.05
CA GLU A 512 -0.18 9.89 1.66
C GLU A 512 1.25 9.81 1.12
N HIS A 513 2.16 10.57 1.70
CA HIS A 513 3.57 10.51 1.29
C HIS A 513 4.32 9.39 1.97
N ASN A 514 3.81 8.92 3.11
CA ASN A 514 4.42 7.77 3.78
C ASN A 514 3.31 6.82 4.19
N PRO A 515 2.69 6.16 3.19
CA PRO A 515 1.41 5.51 3.47
C PRO A 515 1.53 4.10 4.04
N TYR A 516 2.08 4.02 5.25
CA TYR A 516 2.52 2.72 5.74
C TYR A 516 1.48 1.98 6.60
N ALA A 517 0.45 2.66 7.10
CA ALA A 517 -0.54 1.96 7.93
C ALA A 517 -1.89 2.62 7.92
N TRP A 518 -2.93 1.79 7.94
CA TRP A 518 -4.32 2.23 8.08
C TRP A 518 -4.57 2.84 9.46
N PRO A 519 -5.07 4.09 9.52
CA PRO A 519 -5.13 4.79 10.80
C PRO A 519 -6.46 4.69 11.53
N CYS A 520 -6.84 3.48 11.96
CA CYS A 520 -8.16 3.27 12.53
C CYS A 520 -8.14 2.65 13.93
N GLY A 521 -8.61 3.42 14.91
CA GLY A 521 -8.58 2.99 16.30
C GLY A 521 -9.94 2.55 16.83
N TRP A 522 -10.86 2.24 15.92
CA TRP A 522 -12.17 1.71 16.32
C TRP A 522 -11.96 0.36 17.00
N ALA A 523 -12.87 -0.04 17.87
CA ALA A 523 -12.84 -1.38 18.43
C ALA A 523 -12.76 -2.38 17.29
N ASN A 524 -11.90 -3.37 17.47
CA ASN A 524 -11.73 -4.46 16.52
C ASN A 524 -11.09 -4.04 15.21
N TRP A 525 -10.48 -2.84 15.18
CA TRP A 525 -9.72 -2.42 14.00
C TRP A 525 -8.23 -2.18 14.26
N TRP A 526 -7.75 -2.31 15.49
CA TRP A 526 -6.35 -1.99 15.78
C TRP A 526 -5.38 -2.91 15.02
N GLN A 527 -5.79 -4.14 14.70
CA GLN A 527 -4.94 -5.06 13.95
C GLN A 527 -4.95 -4.78 12.43
N THR A 528 -5.58 -3.68 12.00
CA THR A 528 -5.54 -3.32 10.58
C THR A 528 -4.54 -2.20 10.28
N GLY A 529 -3.94 -1.62 11.32
CA GLY A 529 -2.89 -0.64 11.13
C GLY A 529 -2.55 0.24 12.32
N ALA A 530 -3.53 0.53 13.17
CA ALA A 530 -3.29 1.50 14.23
C ALA A 530 -2.21 1.02 15.20
N LEU A 531 -2.13 -0.30 15.45
CA LEU A 531 -1.06 -0.84 16.31
C LEU A 531 0.29 -0.65 15.62
N LYS A 532 0.33 -0.96 14.33
CA LYS A 532 1.53 -0.73 13.52
C LYS A 532 2.00 0.73 13.56
N ILE A 533 1.05 1.65 13.63
CA ILE A 533 1.40 3.06 13.79
C ILE A 533 2.19 3.23 15.09
N LEU A 534 1.72 2.60 16.16
CA LEU A 534 2.46 2.66 17.43
C LEU A 534 3.90 2.14 17.27
N PHE A 535 4.10 1.11 16.45
CA PHE A 535 5.45 0.56 16.25
C PHE A 535 6.38 1.60 15.62
N ASN A 536 5.80 2.52 14.86
CA ASN A 536 6.55 3.47 14.04
C ASN A 536 6.64 4.89 14.57
N LEU A 537 5.89 5.20 15.62
CA LEU A 537 5.92 6.56 16.16
C LEU A 537 7.30 6.91 16.69
N LYS A 538 7.65 8.19 16.60
CA LYS A 538 8.92 8.70 17.10
C LYS A 538 8.64 9.87 18.04
N PRO A 539 9.39 9.96 19.16
CA PRO A 539 9.18 11.11 20.03
C PRO A 539 9.54 12.43 19.33
N ALA A 540 8.75 13.46 19.58
CA ALA A 540 9.07 14.79 19.04
C ALA A 540 10.35 15.32 19.68
N LYS A 541 11.04 16.19 18.95
CA LYS A 541 12.21 16.87 19.48
C LYS A 541 11.80 18.13 20.22
N MET B 1 14.74 -26.40 -24.20
CA MET B 1 13.65 -27.21 -23.66
C MET B 1 12.27 -26.58 -23.89
N VAL B 2 11.36 -27.36 -24.47
CA VAL B 2 9.99 -26.91 -24.71
C VAL B 2 9.20 -26.81 -23.40
N LEU B 3 8.68 -25.63 -23.12
CA LEU B 3 7.96 -25.40 -21.88
C LEU B 3 6.44 -25.45 -22.09
N GLU B 4 5.77 -26.23 -21.25
CA GLU B 4 4.31 -26.27 -21.24
C GLU B 4 3.81 -24.86 -20.93
N ARG B 5 2.95 -24.33 -21.80
CA ARG B 5 2.56 -22.93 -21.72
C ARG B 5 1.89 -22.61 -20.40
N ASN B 6 1.04 -23.53 -19.93
CA ASN B 6 0.21 -23.26 -18.77
C ASN B 6 0.95 -23.33 -17.44
N GLU B 7 2.24 -23.64 -17.45
CA GLU B 7 3.02 -23.58 -16.21
C GLU B 7 4.18 -22.62 -16.39
N THR B 8 4.09 -21.81 -17.44
CA THR B 8 5.15 -20.87 -17.76
C THR B 8 4.61 -19.44 -17.74
N MET B 9 5.36 -18.56 -17.10
N MET B 9 5.40 -18.55 -17.14
CA MET B 9 5.05 -17.14 -17.16
CA MET B 9 5.07 -17.14 -17.11
C MET B 9 6.12 -16.42 -17.96
C MET B 9 6.12 -16.38 -17.93
N TYR B 10 5.68 -15.77 -19.03
CA TYR B 10 6.60 -14.99 -19.87
C TYR B 10 6.64 -13.54 -19.42
N TYR B 11 7.83 -13.09 -19.02
CA TYR B 11 8.07 -11.72 -18.60
C TYR B 11 8.91 -10.99 -19.65
N GLY B 12 8.67 -9.70 -19.81
CA GLY B 12 9.58 -8.90 -20.61
C GLY B 12 9.59 -7.44 -20.22
N GLY B 13 10.68 -6.75 -20.54
CA GLY B 13 10.75 -5.32 -20.37
C GLY B 13 12.13 -4.84 -19.92
N SER B 14 12.93 -5.75 -19.39
CA SER B 14 14.16 -5.36 -18.70
C SER B 14 15.43 -6.06 -19.22
N LEU B 15 15.28 -6.90 -20.25
CA LEU B 15 16.39 -7.69 -20.78
C LEU B 15 16.73 -7.23 -22.20
N TRP B 16 17.78 -6.42 -22.34
CA TRP B 16 18.05 -5.79 -23.63
C TRP B 16 19.41 -6.20 -24.21
N SER B 17 20.06 -7.16 -23.57
CA SER B 17 21.33 -7.71 -24.04
C SER B 17 21.26 -9.22 -23.87
N PRO B 18 22.05 -9.98 -24.66
CA PRO B 18 22.02 -11.44 -24.49
C PRO B 18 22.34 -11.83 -23.04
N PRO B 19 21.61 -12.80 -22.45
CA PRO B 19 21.94 -13.30 -21.10
C PRO B 19 23.36 -13.85 -21.05
N SER B 20 24.22 -13.28 -20.20
CA SER B 20 25.62 -13.69 -20.21
C SER B 20 26.28 -13.52 -18.84
N ASN B 21 25.51 -13.14 -17.84
CA ASN B 21 26.06 -12.89 -16.52
C ASN B 21 25.00 -13.16 -15.45
N TRP B 22 25.38 -13.88 -14.41
CA TRP B 22 24.50 -14.23 -13.28
C TRP B 22 25.26 -14.04 -11.96
N ASN B 23 26.17 -13.08 -11.97
CA ASN B 23 27.06 -12.80 -10.84
C ASN B 23 26.43 -11.81 -9.89
N PRO B 24 26.17 -12.21 -8.63
CA PRO B 24 25.52 -11.33 -7.66
C PRO B 24 26.38 -10.12 -7.33
N PHE B 25 27.70 -10.20 -7.60
CA PHE B 25 28.60 -9.06 -7.35
C PHE B 25 28.60 -8.03 -8.47
N THR B 26 28.01 -8.35 -9.62
CA THR B 26 27.95 -7.39 -10.73
C THR B 26 26.52 -7.11 -11.18
N PRO B 27 25.74 -6.41 -10.34
CA PRO B 27 24.31 -6.28 -10.63
C PRO B 27 23.99 -5.41 -11.86
N TRP B 28 24.97 -4.70 -12.39
CA TRP B 28 24.76 -3.96 -13.64
C TRP B 28 24.74 -4.90 -14.86
N ASN B 29 25.25 -6.12 -14.69
CA ASN B 29 25.27 -7.11 -15.77
C ASN B 29 24.38 -8.35 -15.54
N ALA B 30 24.12 -8.69 -14.28
CA ALA B 30 23.35 -9.89 -13.98
C ALA B 30 21.97 -9.85 -14.59
N VAL B 31 21.59 -10.96 -15.21
CA VAL B 31 20.29 -11.10 -15.86
C VAL B 31 19.19 -10.76 -14.86
N PRO B 32 18.18 -9.97 -15.30
CA PRO B 32 17.05 -9.67 -14.41
C PRO B 32 16.48 -10.94 -13.77
N GLY B 33 16.27 -10.90 -12.46
CA GLY B 33 15.77 -12.06 -11.75
C GLY B 33 16.83 -12.83 -11.00
N THR B 34 18.08 -12.70 -11.42
CA THR B 34 19.18 -13.40 -10.74
C THR B 34 19.19 -13.03 -9.27
N THR B 35 19.25 -11.74 -8.96
CA THR B 35 18.90 -11.31 -7.62
C THR B 35 17.38 -11.22 -7.53
N GLY B 36 16.79 -11.86 -6.53
CA GLY B 36 15.35 -11.86 -6.41
C GLY B 36 14.77 -13.27 -6.57
N LEU B 37 15.11 -13.93 -7.67
CA LEU B 37 14.62 -15.29 -7.87
C LEU B 37 15.65 -16.33 -7.43
N VAL B 38 16.94 -16.03 -7.59
CA VAL B 38 18.01 -16.96 -7.18
C VAL B 38 18.70 -16.54 -5.88
N TYR B 39 19.15 -15.30 -5.81
CA TYR B 39 19.75 -14.75 -4.59
C TYR B 39 18.71 -13.93 -3.85
N GLU B 40 18.75 -13.99 -2.52
CA GLU B 40 17.76 -13.34 -1.67
C GLU B 40 18.40 -12.20 -0.88
N THR B 41 17.59 -11.24 -0.43
CA THR B 41 18.09 -10.14 0.38
C THR B 41 17.55 -10.31 1.80
N MET B 42 18.04 -9.51 2.75
CA MET B 42 17.58 -9.65 4.13
C MET B 42 16.12 -9.21 4.29
N PHE B 43 15.71 -8.22 3.50
CA PHE B 43 14.34 -7.69 3.54
C PHE B 43 13.81 -7.49 2.12
N PHE B 44 12.49 -7.55 1.97
CA PHE B 44 11.78 -6.95 0.85
C PHE B 44 11.60 -5.46 1.12
N TYR B 45 11.36 -4.67 0.08
CA TYR B 45 10.95 -3.29 0.27
C TYR B 45 9.73 -3.05 -0.61
N ASP B 46 8.68 -2.44 -0.06
CA ASP B 46 7.46 -2.23 -0.80
C ASP B 46 7.20 -0.73 -1.06
N PRO B 47 7.44 -0.27 -2.30
CA PRO B 47 7.21 1.15 -2.64
C PRO B 47 5.76 1.60 -2.42
N LEU B 48 4.78 0.69 -2.43
CA LEU B 48 3.38 1.09 -2.23
C LEU B 48 3.09 1.60 -0.80
N THR B 49 3.91 1.17 0.16
CA THR B 49 3.66 1.49 1.57
C THR B 49 4.86 2.08 2.28
N GLY B 50 6.06 1.74 1.80
CA GLY B 50 7.28 2.01 2.54
C GLY B 50 7.72 0.82 3.42
N ASN B 51 6.91 -0.25 3.49
CA ASN B 51 7.20 -1.38 4.39
C ASN B 51 8.48 -2.12 4.01
N PHE B 52 9.27 -2.47 5.02
CA PHE B 52 10.35 -3.44 4.89
C PHE B 52 9.86 -4.79 5.41
N ASP B 53 9.62 -5.75 4.53
CA ASP B 53 9.08 -7.02 4.99
C ASP B 53 10.21 -8.03 5.18
N PRO B 54 10.21 -8.75 6.30
CA PRO B 54 11.33 -9.66 6.61
C PRO B 54 11.43 -10.76 5.56
N TRP B 55 12.63 -10.94 5.00
CA TRP B 55 12.87 -12.04 4.06
C TRP B 55 13.81 -13.05 4.74
N LEU B 56 15.10 -13.00 4.44
CA LEU B 56 16.07 -13.83 5.16
C LEU B 56 16.09 -13.43 6.64
N ALA B 57 16.04 -12.12 6.86
CA ALA B 57 15.95 -11.60 8.22
C ALA B 57 14.58 -11.88 8.77
N GLU B 58 14.54 -12.33 10.03
CA GLU B 58 13.29 -12.45 10.75
C GLU B 58 12.95 -11.10 11.36
N LYS B 59 13.98 -10.41 11.83
CA LYS B 59 13.83 -9.05 12.36
C LYS B 59 15.12 -8.27 12.14
N GLY B 60 15.03 -6.95 12.26
CA GLY B 60 16.18 -6.08 12.14
C GLY B 60 15.90 -4.85 12.98
N GLU B 61 16.84 -4.49 13.86
CA GLU B 61 16.61 -3.40 14.81
C GLU B 61 17.87 -2.59 15.05
N TRP B 62 17.71 -1.29 15.22
CA TRP B 62 18.75 -0.45 15.80
C TRP B 62 18.75 -0.66 17.31
N LEU B 63 19.80 -1.29 17.83
CA LEU B 63 19.94 -1.54 19.26
C LEU B 63 20.28 -0.24 20.00
N ASP B 64 21.14 0.56 19.37
CA ASP B 64 21.36 1.95 19.76
C ASP B 64 21.70 2.71 18.49
N SER B 65 22.22 3.93 18.60
CA SER B 65 22.40 4.76 17.41
C SER B 65 23.49 4.24 16.46
N LYS B 66 24.35 3.36 16.95
CA LYS B 66 25.50 2.90 16.16
C LYS B 66 25.52 1.38 15.99
N THR B 67 24.47 0.71 16.43
CA THR B 67 24.43 -0.76 16.42
C THR B 67 23.14 -1.26 15.79
N TYR B 68 23.24 -2.01 14.70
CA TYR B 68 22.06 -2.62 14.07
C TYR B 68 22.15 -4.14 14.14
N ARG B 69 21.08 -4.77 14.59
CA ARG B 69 21.03 -6.22 14.76
C ARG B 69 20.04 -6.90 13.82
N VAL B 70 20.52 -7.86 13.05
CA VAL B 70 19.66 -8.72 12.26
C VAL B 70 19.59 -10.09 12.92
N VAL B 71 18.38 -10.62 13.09
CA VAL B 71 18.24 -12.02 13.46
C VAL B 71 17.58 -12.78 12.30
N LEU B 72 18.28 -13.77 11.77
CA LEU B 72 17.81 -14.54 10.63
C LEU B 72 16.70 -15.49 11.04
N ARG B 73 15.80 -15.79 10.09
CA ARG B 73 14.82 -16.85 10.26
C ARG B 73 15.52 -18.19 10.46
N GLU B 74 14.93 -19.05 11.28
CA GLU B 74 15.43 -20.42 11.38
C GLU B 74 14.98 -21.22 10.17
N GLY B 75 15.86 -22.09 9.68
CA GLY B 75 15.48 -23.01 8.63
C GLY B 75 15.79 -22.56 7.22
N ILE B 76 16.75 -21.65 7.08
CA ILE B 76 17.14 -21.19 5.75
C ILE B 76 18.24 -22.08 5.20
N TYR B 77 18.06 -22.51 3.95
CA TYR B 77 19.01 -23.39 3.28
C TYR B 77 19.43 -22.84 1.91
N TRP B 78 20.72 -22.94 1.61
CA TRP B 78 21.18 -22.81 0.23
C TRP B 78 20.60 -23.96 -0.60
N HIS B 79 20.59 -23.81 -1.92
CA HIS B 79 20.01 -24.81 -2.80
C HIS B 79 20.74 -26.16 -2.71
N ASP B 80 22.00 -26.15 -2.27
CA ASP B 80 22.76 -27.40 -2.15
C ASP B 80 22.62 -28.02 -0.77
N ASN B 81 21.72 -27.44 0.03
CA ASN B 81 21.35 -27.86 1.38
C ASN B 81 22.37 -27.54 2.49
N VAL B 82 23.42 -26.81 2.15
CA VAL B 82 24.23 -26.16 3.18
C VAL B 82 23.32 -25.13 3.85
N PRO B 83 23.27 -25.13 5.19
CA PRO B 83 22.45 -24.11 5.87
C PRO B 83 22.96 -22.69 5.62
N LEU B 84 22.04 -21.75 5.46
CA LEU B 84 22.43 -20.35 5.34
C LEU B 84 22.44 -19.78 6.74
N THR B 85 23.57 -19.20 7.16
CA THR B 85 23.69 -18.75 8.54
C THR B 85 24.19 -17.31 8.61
N SER B 86 24.32 -16.82 9.82
CA SER B 86 24.83 -15.48 10.04
C SER B 86 26.26 -15.30 9.50
N GLU B 87 26.99 -16.41 9.33
CA GLU B 87 28.35 -16.30 8.79
C GLU B 87 28.33 -15.99 7.28
N ASP B 88 27.25 -16.37 6.61
CA ASP B 88 27.08 -16.00 5.21
C ASP B 88 26.84 -14.48 5.07
N VAL B 89 26.01 -13.93 5.96
CA VAL B 89 25.77 -12.49 5.96
C VAL B 89 27.07 -11.75 6.34
N ARG B 90 27.78 -12.28 7.33
CA ARG B 90 29.06 -11.70 7.70
C ARG B 90 30.03 -11.71 6.50
N PHE B 91 30.12 -12.85 5.83
CA PHE B 91 30.97 -12.98 4.65
C PHE B 91 30.60 -12.02 3.52
N THR B 92 29.29 -11.89 3.27
CA THR B 92 28.79 -11.03 2.19
C THR B 92 29.37 -9.60 2.34
N PHE B 93 29.41 -9.11 3.58
CA PHE B 93 30.01 -7.80 3.86
C PHE B 93 31.54 -7.81 3.90
N GLU B 94 32.11 -8.78 4.62
CA GLU B 94 33.55 -8.79 4.87
C GLU B 94 34.36 -9.11 3.62
N ILE B 95 33.77 -9.77 2.64
CA ILE B 95 34.50 -10.06 1.40
C ILE B 95 34.84 -8.74 0.68
N ALA B 96 34.03 -7.70 0.89
CA ALA B 96 34.26 -6.40 0.28
C ALA B 96 35.27 -5.56 1.08
N LYS B 97 35.56 -5.98 2.30
CA LYS B 97 36.66 -5.39 3.05
C LYS B 97 37.98 -5.94 2.52
N LYS B 98 38.00 -7.25 2.29
CA LYS B 98 39.17 -7.93 1.76
C LYS B 98 39.44 -7.49 0.33
N TYR B 99 38.38 -7.42 -0.48
CA TYR B 99 38.49 -7.04 -1.88
C TYR B 99 37.80 -5.71 -2.13
N LYS B 100 38.56 -4.62 -2.17
CA LYS B 100 37.97 -3.27 -2.26
C LYS B 100 37.38 -2.97 -3.63
N GLY B 101 37.70 -3.79 -4.64
CA GLY B 101 37.11 -3.62 -5.96
C GLY B 101 35.63 -3.95 -6.02
N ILE B 102 35.16 -4.76 -5.08
CA ILE B 102 33.73 -5.08 -5.01
C ILE B 102 32.96 -3.78 -4.82
N HIS B 103 31.76 -3.68 -5.41
CA HIS B 103 31.10 -2.38 -5.58
C HIS B 103 30.55 -1.74 -4.30
N TYR B 104 30.44 -2.50 -3.22
CA TYR B 104 29.95 -1.90 -1.99
C TYR B 104 31.02 -1.84 -0.90
N SER B 105 32.27 -1.91 -1.30
CA SER B 105 33.37 -1.89 -0.35
C SER B 105 33.41 -0.59 0.46
N SER B 106 32.83 0.48 -0.07
CA SER B 106 32.85 1.77 0.62
C SER B 106 32.05 1.71 1.92
N VAL B 107 31.26 0.66 2.09
CA VAL B 107 30.51 0.51 3.33
C VAL B 107 31.47 0.48 4.55
N TRP B 108 32.69 0.01 4.34
CA TRP B 108 33.64 -0.15 5.46
C TRP B 108 34.30 1.16 5.86
N GLU B 109 33.93 2.23 5.16
CA GLU B 109 34.35 3.56 5.58
C GLU B 109 33.53 4.00 6.78
N TRP B 110 32.36 3.39 6.97
CA TRP B 110 31.48 3.80 8.07
C TRP B 110 30.99 2.64 8.94
N LEU B 111 31.06 1.41 8.43
CA LEU B 111 30.86 0.21 9.23
C LEU B 111 32.17 -0.19 9.91
N ASP B 112 32.14 -0.46 11.21
CA ASP B 112 33.37 -0.78 11.93
C ASP B 112 33.67 -2.26 11.95
N HIS B 113 32.76 -3.05 12.51
CA HIS B 113 32.91 -4.49 12.50
C HIS B 113 31.57 -5.20 12.66
N ILE B 114 31.61 -6.51 12.49
CA ILE B 114 30.43 -7.36 12.57
C ILE B 114 30.62 -8.43 13.65
N GLU B 115 29.57 -8.65 14.43
CA GLU B 115 29.61 -9.72 15.42
C GLU B 115 28.53 -10.73 15.09
N THR B 116 28.84 -12.01 15.31
CA THR B 116 27.88 -13.09 15.12
C THR B 116 27.84 -13.98 16.35
N PRO B 117 27.05 -13.60 17.37
CA PRO B 117 27.00 -14.35 18.65
C PRO B 117 26.44 -15.75 18.49
N ASP B 118 25.56 -15.98 17.50
CA ASP B 118 25.12 -17.33 17.19
C ASP B 118 24.84 -17.42 15.70
N ASN B 119 24.44 -18.61 15.24
N ASN B 119 24.42 -18.60 15.25
CA ASN B 119 24.30 -18.85 13.80
CA ASN B 119 24.29 -18.85 13.82
C ASN B 119 23.17 -18.07 13.14
C ASN B 119 23.12 -18.15 13.16
N ARG B 120 22.36 -17.37 13.93
CA ARG B 120 21.24 -16.60 13.35
C ARG B 120 21.36 -15.10 13.56
N THR B 121 22.33 -14.69 14.38
CA THR B 121 22.43 -13.30 14.78
C THR B 121 23.62 -12.62 14.13
N VAL B 122 23.35 -11.46 13.52
CA VAL B 122 24.39 -10.60 12.95
C VAL B 122 24.30 -9.20 13.54
N ILE B 123 25.36 -8.78 14.22
CA ILE B 123 25.37 -7.45 14.79
C ILE B 123 26.33 -6.54 14.03
N PHE B 124 25.79 -5.43 13.50
CA PHE B 124 26.60 -4.47 12.77
C PHE B 124 26.91 -3.27 13.66
N VAL B 125 28.20 -3.00 13.87
CA VAL B 125 28.63 -1.88 14.68
C VAL B 125 29.27 -0.80 13.81
N PHE B 126 28.68 0.39 13.82
CA PHE B 126 29.10 1.44 12.89
C PHE B 126 30.02 2.46 13.53
N LYS B 127 31.05 2.86 12.80
CA LYS B 127 31.82 4.04 13.15
C LYS B 127 30.96 5.28 12.92
N ASP B 128 30.35 5.37 11.75
CA ASP B 128 29.54 6.51 11.36
C ASP B 128 28.27 6.02 10.69
N PRO B 129 27.20 5.80 11.47
CA PRO B 129 26.06 5.10 10.85
C PRO B 129 25.37 5.98 9.80
N ARG B 130 25.24 5.45 8.60
CA ARG B 130 24.59 6.20 7.52
C ARG B 130 23.25 5.58 7.27
N TYR B 131 22.26 6.10 8.00
CA TYR B 131 20.95 5.47 8.09
C TYR B 131 20.25 5.34 6.73
N HIS B 132 20.30 6.38 5.91
CA HIS B 132 19.62 6.35 4.62
C HIS B 132 20.15 5.22 3.72
N GLU B 133 21.46 5.21 3.53
CA GLU B 133 22.10 4.20 2.70
C GLU B 133 21.93 2.80 3.30
N TRP B 134 21.98 2.71 4.63
CA TRP B 134 21.84 1.42 5.30
C TRP B 134 20.47 0.79 5.02
N ASN B 135 19.40 1.57 5.11
CA ASN B 135 18.07 1.03 4.75
C ASN B 135 18.05 0.44 3.34
N GLU B 136 18.71 1.13 2.40
CA GLU B 136 18.74 0.63 1.01
C GLU B 136 19.49 -0.69 0.88
N LEU B 137 20.64 -0.79 1.56
CA LEU B 137 21.43 -2.01 1.54
C LEU B 137 20.59 -3.18 2.05
N LEU B 138 19.74 -2.91 3.04
CA LEU B 138 18.93 -3.95 3.66
C LEU B 138 18.04 -4.71 2.66
N TYR B 139 17.58 -4.04 1.60
CA TYR B 139 16.78 -4.75 0.59
C TYR B 139 17.45 -4.88 -0.77
N THR B 140 18.67 -4.36 -0.92
CA THR B 140 19.30 -4.37 -2.25
C THR B 140 20.51 -5.30 -2.33
N LEU B 141 21.10 -5.63 -1.18
CA LEU B 141 22.34 -6.38 -1.16
C LEU B 141 22.06 -7.89 -1.07
N PRO B 142 22.34 -8.65 -2.16
CA PRO B 142 22.10 -10.09 -2.08
C PRO B 142 23.05 -10.79 -1.13
N ILE B 143 22.53 -11.72 -0.35
CA ILE B 143 23.38 -12.52 0.54
C ILE B 143 23.94 -13.70 -0.26
N VAL B 144 25.26 -13.84 -0.25
CA VAL B 144 25.93 -14.85 -1.07
C VAL B 144 26.52 -15.95 -0.19
N PRO B 145 26.73 -17.15 -0.76
CA PRO B 145 27.23 -18.28 0.03
C PRO B 145 28.74 -18.28 0.25
N LYS B 146 29.14 -18.11 1.50
CA LYS B 146 30.54 -18.23 1.89
C LYS B 146 31.22 -19.49 1.36
N HIS B 147 30.55 -20.63 1.45
CA HIS B 147 31.20 -21.89 1.09
C HIS B 147 31.48 -21.96 -0.42
N ILE B 148 30.91 -21.05 -1.20
CA ILE B 148 31.18 -21.02 -2.63
C ILE B 148 32.28 -20.00 -2.97
N TRP B 149 32.20 -18.81 -2.39
CA TRP B 149 33.02 -17.67 -2.81
C TRP B 149 34.31 -17.50 -1.99
N GLU B 150 34.32 -18.13 -0.81
CA GLU B 150 35.44 -18.19 0.13
C GLU B 150 36.84 -18.28 -0.48
N GLU B 151 37.01 -19.16 -1.45
CA GLU B 151 38.35 -19.45 -1.94
C GLU B 151 38.65 -18.77 -3.27
N LYS B 152 37.71 -17.97 -3.78
CA LYS B 152 37.92 -17.28 -5.05
C LYS B 152 38.73 -15.99 -4.86
N ASP B 153 39.64 -15.71 -5.79
CA ASP B 153 40.40 -14.48 -5.68
C ASP B 153 39.57 -13.33 -6.23
N GLU B 154 40.09 -12.10 -6.11
CA GLU B 154 39.32 -10.90 -6.43
C GLU B 154 38.94 -10.85 -7.91
N THR B 155 39.88 -11.26 -8.77
CA THR B 155 39.67 -11.15 -10.21
C THR B 155 38.52 -12.06 -10.64
N THR B 156 38.48 -13.24 -10.03
CA THR B 156 37.45 -14.22 -10.32
C THR B 156 36.09 -13.75 -9.82
N ILE B 157 36.05 -13.14 -8.64
CA ILE B 157 34.79 -12.63 -8.09
C ILE B 157 34.18 -11.52 -8.96
N LEU B 158 35.03 -10.68 -9.52
CA LEU B 158 34.59 -9.54 -10.32
C LEU B 158 34.25 -9.91 -11.76
N GLN B 159 34.96 -10.88 -12.33
CA GLN B 159 34.86 -11.11 -13.76
C GLN B 159 34.09 -12.38 -14.14
N SER B 160 33.80 -13.23 -13.14
N SER B 160 33.80 -13.23 -13.15
CA SER B 160 33.09 -14.48 -13.42
CA SER B 160 33.12 -14.49 -13.45
C SER B 160 31.67 -14.22 -13.92
C SER B 160 31.68 -14.25 -13.90
N SER B 161 31.20 -15.09 -14.81
CA SER B 161 29.83 -15.00 -15.30
C SER B 161 28.91 -15.75 -14.34
N ASN B 162 29.49 -16.67 -13.59
CA ASN B 162 28.78 -17.41 -12.55
C ASN B 162 27.58 -18.16 -13.14
N GLU B 163 27.78 -18.89 -14.24
CA GLU B 163 26.69 -19.69 -14.81
C GLU B 163 26.09 -20.61 -13.76
N TYR B 164 24.79 -20.86 -13.86
CA TYR B 164 24.08 -21.70 -12.90
C TYR B 164 24.35 -21.27 -11.45
N PRO B 165 23.96 -20.04 -11.12
CA PRO B 165 24.26 -19.50 -9.79
C PRO B 165 23.70 -20.36 -8.64
N LEU B 166 24.53 -20.60 -7.63
CA LEU B 166 24.10 -21.25 -6.40
C LEU B 166 23.55 -20.21 -5.42
N GLY B 167 22.23 -20.13 -5.29
CA GLY B 167 21.59 -19.22 -4.36
C GLY B 167 20.72 -19.93 -3.33
N SER B 168 19.77 -19.21 -2.77
CA SER B 168 18.86 -19.76 -1.75
C SER B 168 17.42 -19.46 -2.07
N GLY B 169 17.17 -18.86 -3.23
CA GLY B 169 15.85 -18.33 -3.56
C GLY B 169 14.86 -19.30 -4.18
N PRO B 170 13.73 -18.77 -4.65
CA PRO B 170 12.62 -19.62 -5.11
C PRO B 170 12.84 -20.26 -6.48
N TYR B 171 13.89 -19.86 -7.19
CA TYR B 171 14.15 -20.36 -8.54
C TYR B 171 15.60 -20.73 -8.70
N VAL B 172 15.88 -21.54 -9.71
CA VAL B 172 17.24 -21.74 -10.18
C VAL B 172 17.32 -21.40 -11.65
N ALA B 173 18.52 -21.13 -12.14
CA ALA B 173 18.70 -20.97 -13.57
C ALA B 173 18.46 -22.31 -14.24
N HIS B 174 17.77 -22.30 -15.37
CA HIS B 174 17.52 -23.54 -16.09
C HIS B 174 18.30 -23.58 -17.38
N SER B 175 18.08 -22.59 -18.23
CA SER B 175 18.70 -22.55 -19.55
C SER B 175 18.51 -21.17 -20.16
N TRP B 176 19.23 -20.87 -21.23
CA TRP B 176 19.16 -19.54 -21.84
C TRP B 176 19.73 -19.60 -23.25
N ASP B 177 19.42 -18.58 -24.04
CA ASP B 177 20.07 -18.35 -25.33
C ASP B 177 20.13 -16.83 -25.54
N GLN B 178 20.45 -16.36 -26.73
CA GLN B 178 20.62 -14.93 -26.94
C GLN B 178 19.34 -14.15 -26.68
N ASN B 179 18.20 -14.82 -26.79
CA ASN B 179 16.90 -14.13 -26.77
C ASN B 179 16.05 -14.36 -25.52
N LYS B 180 16.45 -15.28 -24.65
CA LYS B 180 15.68 -15.51 -23.43
C LYS B 180 16.48 -16.16 -22.31
N MET B 181 16.03 -15.91 -21.08
CA MET B 181 16.53 -16.58 -19.87
C MET B 181 15.42 -17.40 -19.23
N ILE B 182 15.66 -18.68 -18.96
CA ILE B 182 14.64 -19.48 -18.32
C ILE B 182 15.02 -19.84 -16.89
N PHE B 183 14.14 -19.48 -15.95
CA PHE B 183 14.30 -19.87 -14.55
C PHE B 183 13.34 -21.01 -14.22
N GLU B 184 13.81 -21.97 -13.44
CA GLU B 184 12.95 -23.08 -13.05
C GLU B 184 12.65 -23.01 -11.57
N ARG B 185 11.39 -23.25 -11.19
CA ARG B 185 11.04 -23.17 -9.77
C ARG B 185 11.78 -24.21 -8.94
N PHE B 186 12.40 -23.74 -7.87
CA PHE B 186 13.15 -24.59 -6.98
C PHE B 186 12.20 -25.15 -5.95
N GLU B 187 11.76 -26.40 -6.14
CA GLU B 187 10.61 -26.83 -5.34
C GLU B 187 10.96 -26.94 -3.86
N ASN B 188 12.21 -27.23 -3.54
CA ASN B 188 12.60 -27.36 -2.12
C ASN B 188 12.99 -26.04 -1.44
N TRP B 189 12.63 -24.93 -2.08
CA TRP B 189 12.88 -23.60 -1.51
C TRP B 189 12.51 -23.51 -0.03
N TRP B 190 13.47 -23.12 0.80
CA TRP B 190 13.18 -22.99 2.24
C TRP B 190 12.00 -22.03 2.48
N GLY B 191 11.81 -21.07 1.59
CA GLY B 191 10.79 -20.04 1.78
C GLY B 191 9.39 -20.60 1.84
N THR B 192 9.12 -21.64 1.07
CA THR B 192 7.79 -22.22 1.09
C THR B 192 7.52 -22.89 2.45
N LYS B 193 8.51 -23.61 2.97
CA LYS B 193 8.34 -24.22 4.30
C LYS B 193 8.17 -23.23 5.43
N VAL B 194 9.03 -22.21 5.43
CA VAL B 194 9.02 -21.27 6.54
C VAL B 194 7.94 -20.21 6.37
N MET B 195 7.90 -19.57 5.20
CA MET B 195 7.00 -18.43 5.02
C MET B 195 5.64 -18.83 4.45
N GLY B 196 5.54 -20.07 3.97
CA GLY B 196 4.28 -20.55 3.43
C GLY B 196 3.86 -19.85 2.15
N VAL B 197 4.83 -19.35 1.39
CA VAL B 197 4.53 -18.81 0.07
C VAL B 197 5.21 -19.63 -1.01
N LYS B 198 4.65 -19.58 -2.21
CA LYS B 198 5.19 -20.33 -3.34
C LYS B 198 4.87 -19.61 -4.64
N PRO B 199 5.90 -19.33 -5.47
CA PRO B 199 5.62 -18.70 -6.76
C PRO B 199 4.81 -19.63 -7.67
N ALA B 200 3.76 -19.10 -8.29
CA ALA B 200 2.82 -19.96 -9.04
C ALA B 200 3.42 -20.63 -10.30
N PRO B 201 4.25 -19.91 -11.08
CA PRO B 201 4.78 -20.51 -12.32
C PRO B 201 5.95 -21.43 -12.08
N LYS B 202 5.87 -22.63 -12.63
CA LYS B 202 6.99 -23.56 -12.65
C LYS B 202 8.20 -22.96 -13.39
N TYR B 203 7.93 -22.25 -14.49
CA TYR B 203 9.01 -21.56 -15.23
C TYR B 203 8.74 -20.08 -15.39
N VAL B 204 9.78 -19.28 -15.15
CA VAL B 204 9.71 -17.85 -15.45
C VAL B 204 10.68 -17.59 -16.58
N VAL B 205 10.14 -17.10 -17.69
CA VAL B 205 10.98 -16.76 -18.83
C VAL B 205 11.16 -15.23 -18.95
N ILE B 206 12.41 -14.78 -18.96
CA ILE B 206 12.74 -13.38 -19.24
C ILE B 206 13.00 -13.24 -20.74
N VAL B 207 12.08 -12.60 -21.46
CA VAL B 207 12.14 -12.49 -22.92
C VAL B 207 12.87 -11.21 -23.33
N ARG B 208 13.83 -11.36 -24.24
CA ARG B 208 14.51 -10.24 -24.90
C ARG B 208 13.97 -10.01 -26.30
N VAL B 209 13.65 -8.76 -26.63
CA VAL B 209 13.23 -8.40 -27.97
C VAL B 209 14.05 -7.23 -28.50
N LEU B 210 14.07 -7.08 -29.83
CA LEU B 210 14.80 -5.99 -30.47
C LEU B 210 14.25 -4.62 -30.10
N SER B 211 12.92 -4.51 -30.05
CA SER B 211 12.30 -3.21 -29.82
C SER B 211 10.95 -3.33 -29.16
N ASN B 212 10.39 -2.21 -28.71
CA ASN B 212 9.05 -2.21 -28.13
C ASN B 212 8.01 -2.72 -29.12
N ASN B 213 8.22 -2.47 -30.40
CA ASN B 213 7.27 -2.95 -31.39
C ASN B 213 7.15 -4.48 -31.38
N VAL B 214 8.28 -5.17 -31.23
CA VAL B 214 8.27 -6.64 -31.18
C VAL B 214 7.45 -7.10 -29.97
N ALA B 215 7.64 -6.40 -28.86
CA ALA B 215 6.94 -6.72 -27.63
C ALA B 215 5.44 -6.54 -27.77
N LEU B 216 5.06 -5.47 -28.47
CA LEU B 216 3.65 -5.17 -28.73
C LEU B 216 2.96 -6.35 -29.42
N GLY B 217 3.58 -6.84 -30.48
CA GLY B 217 3.06 -8.00 -31.21
C GLY B 217 2.96 -9.24 -30.33
N MET B 218 3.99 -9.51 -29.54
CA MET B 218 3.97 -10.67 -28.64
C MET B 218 2.80 -10.58 -27.66
N LEU B 219 2.56 -9.39 -27.14
CA LEU B 219 1.50 -9.21 -26.17
C LEU B 219 0.14 -9.46 -26.82
N MET B 220 -0.05 -8.97 -28.04
N MET B 220 -0.04 -8.95 -28.04
CA MET B 220 -1.30 -9.18 -28.77
CA MET B 220 -1.26 -9.20 -28.80
C MET B 220 -1.53 -10.63 -29.17
C MET B 220 -1.51 -10.69 -28.96
N LYS B 221 -0.45 -11.41 -29.31
CA LYS B 221 -0.59 -12.85 -29.56
C LYS B 221 -0.69 -13.65 -28.25
N GLY B 222 -0.63 -12.98 -27.11
CA GLY B 222 -0.71 -13.70 -25.83
C GLY B 222 0.57 -14.44 -25.48
N GLU B 223 1.69 -13.95 -26.01
CA GLU B 223 3.00 -14.61 -25.83
C GLU B 223 3.78 -14.00 -24.67
N LEU B 224 3.20 -12.96 -24.08
CA LEU B 224 3.78 -12.34 -22.90
C LEU B 224 2.67 -12.32 -21.85
N ASP B 225 2.99 -12.62 -20.61
CA ASP B 225 1.99 -12.51 -19.54
C ASP B 225 2.18 -11.20 -18.77
N PHE B 226 3.44 -10.84 -18.55
CA PHE B 226 3.81 -9.77 -17.63
C PHE B 226 4.82 -8.91 -18.37
N SER B 227 4.32 -7.78 -18.87
CA SER B 227 5.12 -6.84 -19.67
C SER B 227 5.44 -5.54 -18.95
N ASN B 228 6.73 -5.19 -18.86
CA ASN B 228 7.15 -3.86 -18.39
C ASN B 228 7.60 -3.01 -19.59
N PHE B 229 7.31 -3.44 -20.80
CA PHE B 229 7.62 -2.64 -21.99
C PHE B 229 6.72 -1.41 -22.09
N MET B 230 7.29 -0.27 -22.49
N MET B 230 7.30 -0.26 -22.45
N MET B 230 7.28 -0.27 -22.49
CA MET B 230 6.46 0.89 -22.79
CA MET B 230 6.47 0.87 -22.86
CA MET B 230 6.45 0.89 -22.76
C MET B 230 5.77 0.67 -24.14
C MET B 230 5.77 0.45 -24.12
C MET B 230 5.77 0.72 -24.12
N LEU B 231 4.45 0.52 -24.11
CA LEU B 231 3.69 0.27 -25.32
C LEU B 231 2.74 1.43 -25.63
N PRO B 232 2.60 1.76 -26.91
CA PRO B 232 1.75 2.89 -27.32
C PRO B 232 0.28 2.49 -27.35
N GLY B 233 -0.61 3.49 -27.26
CA GLY B 233 -2.02 3.25 -27.43
C GLY B 233 -2.69 2.45 -26.34
N VAL B 234 -2.32 2.73 -25.09
CA VAL B 234 -2.90 2.03 -23.93
C VAL B 234 -4.43 2.01 -23.89
N PRO B 235 -5.12 3.16 -24.11
CA PRO B 235 -6.58 3.10 -24.14
C PRO B 235 -7.13 2.05 -25.10
N ILE B 236 -6.45 1.88 -26.24
CA ILE B 236 -6.90 0.92 -27.22
C ILE B 236 -6.51 -0.51 -26.81
N LEU B 237 -5.33 -0.66 -26.22
CA LEU B 237 -4.90 -1.95 -25.71
C LEU B 237 -5.92 -2.44 -24.68
N LYS B 238 -6.46 -1.52 -23.89
CA LYS B 238 -7.44 -1.89 -22.89
C LYS B 238 -8.82 -2.11 -23.51
N LYS B 239 -9.32 -1.11 -24.23
CA LYS B 239 -10.69 -1.12 -24.75
C LYS B 239 -10.90 -2.11 -25.89
N VAL B 240 -9.86 -2.36 -26.67
CA VAL B 240 -10.04 -3.23 -27.82
C VAL B 240 -9.54 -4.62 -27.50
N TYR B 241 -8.37 -4.70 -26.88
CA TYR B 241 -7.70 -5.99 -26.74
C TYR B 241 -7.79 -6.60 -25.35
N ASN B 242 -8.49 -5.91 -24.44
CA ASN B 242 -8.75 -6.43 -23.10
C ASN B 242 -7.47 -6.69 -22.32
N LEU B 243 -6.47 -5.84 -22.54
CA LEU B 243 -5.24 -5.97 -21.78
C LEU B 243 -5.39 -5.12 -20.52
N ASN B 244 -4.73 -5.51 -19.44
CA ASN B 244 -4.95 -4.82 -18.18
C ASN B 244 -3.80 -3.92 -17.75
N THR B 245 -4.13 -2.85 -17.06
CA THR B 245 -3.14 -1.92 -16.52
C THR B 245 -3.45 -1.68 -15.05
N TRP B 246 -2.57 -1.00 -14.34
CA TRP B 246 -2.78 -0.74 -12.92
C TRP B 246 -4.06 0.08 -12.69
N TYR B 247 -4.13 1.25 -13.34
CA TYR B 247 -5.31 2.12 -13.25
C TYR B 247 -6.28 1.89 -14.39
N ASP B 248 -7.57 1.88 -14.07
CA ASP B 248 -8.62 1.80 -15.09
C ASP B 248 -8.53 2.96 -16.06
N GLU B 249 -8.25 4.14 -15.51
CA GLU B 249 -8.25 5.39 -16.26
C GLU B 249 -6.84 5.98 -16.30
N PRO B 250 -6.62 7.05 -17.09
CA PRO B 250 -5.32 7.74 -17.05
C PRO B 250 -4.88 8.05 -15.62
N PRO B 251 -3.57 7.99 -15.34
CA PRO B 251 -2.48 7.72 -16.29
C PRO B 251 -2.22 6.24 -16.60
N TYR B 252 -3.11 5.33 -16.17
CA TYR B 252 -3.01 3.88 -16.41
C TYR B 252 -1.87 3.18 -15.67
N HIS B 253 -0.67 3.75 -15.69
CA HIS B 253 0.47 3.12 -15.06
C HIS B 253 0.86 3.86 -13.80
N LEU B 254 1.44 3.13 -12.85
CA LEU B 254 2.17 3.75 -11.75
C LEU B 254 3.37 4.51 -12.31
N SER B 255 3.93 5.41 -11.50
N SER B 255 3.89 5.45 -11.52
CA SER B 255 5.12 6.16 -11.87
CA SER B 255 5.13 6.16 -11.83
C SER B 255 6.30 5.73 -10.98
C SER B 255 6.26 5.61 -10.98
N SER B 256 7.40 5.30 -11.59
CA SER B 256 8.51 4.72 -10.82
C SER B 256 9.85 5.46 -10.85
N THR B 257 10.07 6.33 -11.83
CA THR B 257 11.41 6.92 -12.01
C THR B 257 11.37 8.40 -12.41
N VAL B 258 12.48 9.08 -12.22
CA VAL B 258 12.66 10.42 -12.78
C VAL B 258 13.42 10.28 -14.09
N VAL B 259 12.76 10.60 -15.20
CA VAL B 259 13.46 10.59 -16.49
C VAL B 259 14.06 11.96 -16.79
N GLY B 260 15.38 11.97 -17.02
CA GLY B 260 16.08 13.21 -17.28
C GLY B 260 17.28 13.08 -18.21
N LEU B 261 18.01 14.18 -18.36
CA LEU B 261 19.20 14.22 -19.20
C LEU B 261 20.43 14.39 -18.33
N PHE B 262 21.34 13.42 -18.40
CA PHE B 262 22.67 13.65 -17.86
C PHE B 262 23.46 14.38 -18.93
N LEU B 263 24.24 15.38 -18.50
CA LEU B 263 25.09 16.12 -19.42
C LEU B 263 26.55 15.82 -19.07
N ASN B 264 27.39 15.68 -20.09
CA ASN B 264 28.80 15.45 -19.90
C ASN B 264 29.50 16.72 -19.40
N ALA B 265 29.79 16.75 -18.09
CA ALA B 265 30.33 17.97 -17.48
C ALA B 265 31.81 18.17 -17.81
N ARG B 266 32.40 17.21 -18.52
CA ARG B 266 33.80 17.29 -18.91
C ARG B 266 33.97 17.52 -20.40
N LYS B 267 32.87 17.72 -21.12
CA LYS B 267 32.97 17.96 -22.56
C LYS B 267 32.46 19.36 -22.95
N TYR B 268 33.32 20.12 -23.62
CA TYR B 268 32.95 21.44 -24.10
C TYR B 268 31.91 21.32 -25.21
N PRO B 269 30.87 22.16 -25.20
CA PRO B 269 30.61 23.25 -24.24
C PRO B 269 29.61 22.88 -23.13
N LEU B 270 29.36 21.59 -22.94
CA LEU B 270 28.47 21.12 -21.90
C LEU B 270 29.10 21.28 -20.52
N SER B 271 30.42 21.48 -20.52
CA SER B 271 31.17 21.77 -19.30
C SER B 271 30.82 23.16 -18.75
N LEU B 272 30.26 24.02 -19.60
CA LEU B 272 29.82 25.35 -19.17
C LEU B 272 28.46 25.24 -18.47
N PRO B 273 28.40 25.63 -17.19
CA PRO B 273 27.13 25.61 -16.46
C PRO B 273 26.10 26.50 -17.16
N GLU B 274 26.57 27.60 -17.73
N GLU B 274 26.56 27.60 -17.74
CA GLU B 274 25.73 28.55 -18.44
CA GLU B 274 25.68 28.54 -18.42
C GLU B 274 25.07 27.90 -19.66
C GLU B 274 25.06 27.91 -19.67
N PHE B 275 25.82 27.04 -20.33
CA PHE B 275 25.33 26.35 -21.52
C PHE B 275 24.28 25.31 -21.12
N ARG B 276 24.54 24.58 -20.03
CA ARG B 276 23.58 23.60 -19.54
C ARG B 276 22.26 24.27 -19.18
N ARG B 277 22.34 25.49 -18.67
CA ARG B 277 21.16 26.28 -18.30
C ARG B 277 20.32 26.58 -19.52
N ALA B 278 21.00 27.02 -20.58
CA ALA B 278 20.38 27.33 -21.86
C ALA B 278 19.62 26.11 -22.36
N ILE B 279 20.27 24.96 -22.33
CA ILE B 279 19.64 23.72 -22.69
C ILE B 279 18.35 23.44 -21.89
N ALA B 280 18.43 23.54 -20.57
CA ALA B 280 17.26 23.30 -19.74
C ALA B 280 16.13 24.24 -20.10
N MET B 281 16.46 25.49 -20.38
CA MET B 281 15.44 26.48 -20.71
C MET B 281 14.92 26.31 -22.14
N SER B 282 15.59 25.48 -22.93
CA SER B 282 15.19 25.26 -24.31
C SER B 282 14.23 24.08 -24.45
N ILE B 283 14.13 23.27 -23.40
CA ILE B 283 13.37 22.03 -23.49
C ILE B 283 12.04 22.12 -22.75
N ASN B 284 10.97 21.78 -23.47
CA ASN B 284 9.63 21.80 -22.94
C ASN B 284 9.06 20.39 -22.95
N ALA B 285 8.89 19.82 -21.76
CA ALA B 285 8.44 18.44 -21.66
C ALA B 285 6.98 18.26 -22.05
N ASP B 286 6.22 19.34 -22.14
CA ASP B 286 4.78 19.23 -22.41
C ASP B 286 4.46 18.45 -23.71
N PRO B 287 5.08 18.82 -24.85
CA PRO B 287 4.78 18.03 -26.05
C PRO B 287 5.30 16.59 -25.99
N ILE B 288 6.29 16.30 -25.15
CA ILE B 288 6.73 14.91 -24.98
C ILE B 288 5.66 14.12 -24.23
N VAL B 289 5.21 14.68 -23.13
CA VAL B 289 4.11 14.12 -22.36
C VAL B 289 2.89 13.86 -23.23
N GLN B 290 2.58 14.82 -24.09
CA GLN B 290 1.40 14.70 -24.94
C GLN B 290 1.60 13.81 -26.16
N ARG B 291 2.66 14.02 -26.94
CA ARG B 291 2.85 13.24 -28.18
C ARG B 291 3.28 11.81 -27.92
N VAL B 292 4.24 11.64 -27.01
CA VAL B 292 4.84 10.33 -26.83
C VAL B 292 3.98 9.48 -25.92
N TYR B 293 3.51 10.06 -24.81
CA TYR B 293 2.79 9.29 -23.80
C TYR B 293 1.28 9.55 -23.74
N GLU B 294 0.79 10.39 -24.65
CA GLU B 294 -0.65 10.67 -24.75
C GLU B 294 -1.24 11.10 -23.42
N GLY B 295 -0.48 11.92 -22.71
CA GLY B 295 -0.96 12.55 -21.48
C GLY B 295 -0.83 11.71 -20.23
N ALA B 296 -0.35 10.49 -20.39
CA ALA B 296 -0.32 9.52 -19.30
C ALA B 296 0.93 9.57 -18.40
N VAL B 297 1.72 10.64 -18.48
CA VAL B 297 2.79 10.85 -17.49
C VAL B 297 2.74 12.29 -17.06
N LEU B 298 3.38 12.59 -15.94
CA LEU B 298 3.43 13.96 -15.45
C LEU B 298 4.83 14.52 -15.71
N LYS B 299 4.86 15.75 -16.20
CA LYS B 299 6.07 16.51 -16.35
C LYS B 299 6.70 16.74 -14.98
N ALA B 300 8.03 16.79 -14.94
CA ALA B 300 8.76 17.09 -13.72
C ALA B 300 9.04 18.58 -13.57
N ASP B 301 9.01 19.06 -12.34
CA ASP B 301 9.45 20.43 -12.07
C ASP B 301 10.99 20.40 -12.02
N PRO B 302 11.64 21.58 -11.92
CA PRO B 302 13.11 21.54 -12.01
C PRO B 302 13.83 20.62 -10.99
N LEU B 303 13.21 20.33 -9.85
CA LEU B 303 13.89 19.53 -8.82
C LEU B 303 13.76 18.05 -9.14
N GLY B 304 12.56 17.66 -9.56
CA GLY B 304 12.32 16.30 -10.00
C GLY B 304 12.07 15.25 -8.93
N PHE B 305 11.52 15.65 -7.78
CA PHE B 305 11.11 14.65 -6.78
C PHE B 305 9.88 13.91 -7.28
N LEU B 306 9.90 12.58 -7.24
CA LEU B 306 8.71 11.77 -7.55
C LEU B 306 7.54 12.14 -6.64
N PRO B 307 6.44 12.62 -7.22
CA PRO B 307 5.29 13.10 -6.44
C PRO B 307 4.63 11.97 -5.62
N ASN B 308 4.83 10.72 -6.03
CA ASN B 308 4.24 9.59 -5.33
C ASN B 308 5.19 8.95 -4.33
N SER B 309 6.32 9.60 -4.09
CA SER B 309 7.36 9.02 -3.25
C SER B 309 7.41 9.65 -1.86
N VAL B 310 8.08 8.97 -0.94
CA VAL B 310 8.29 9.53 0.39
C VAL B 310 9.27 10.69 0.32
N TRP B 311 9.93 10.91 -0.82
CA TRP B 311 10.83 12.06 -0.90
C TRP B 311 10.04 13.36 -0.71
N MET B 312 8.77 13.31 -1.07
CA MET B 312 7.88 14.48 -0.90
C MET B 312 7.73 14.88 0.59
N LYS B 313 8.01 13.96 1.50
CA LYS B 313 8.00 14.25 2.93
C LYS B 313 9.03 15.33 3.27
N TYR B 314 10.03 15.43 2.40
CA TYR B 314 11.18 16.32 2.61
C TYR B 314 11.33 17.35 1.50
N TYR B 315 10.22 17.69 0.85
CA TYR B 315 10.27 18.59 -0.31
C TYR B 315 10.66 19.99 0.11
N PRO B 316 11.79 20.50 -0.42
CA PRO B 316 12.23 21.88 -0.12
C PRO B 316 11.47 22.88 -0.99
N LYS B 317 10.31 23.30 -0.51
CA LYS B 317 9.38 24.09 -1.31
C LYS B 317 9.96 25.41 -1.81
N GLU B 318 10.60 26.17 -0.92
CA GLU B 318 11.10 27.49 -1.30
C GLU B 318 12.23 27.42 -2.34
N VAL B 319 13.10 26.42 -2.23
CA VAL B 319 14.29 26.33 -3.08
C VAL B 319 13.92 26.16 -4.56
N VAL B 320 12.87 25.41 -4.84
CA VAL B 320 12.48 25.24 -6.24
C VAL B 320 11.96 26.54 -6.86
N GLU B 321 11.12 27.27 -6.12
CA GLU B 321 10.59 28.53 -6.62
C GLU B 321 11.69 29.58 -6.83
N LYS B 322 12.71 29.58 -5.98
CA LYS B 322 13.76 30.60 -6.10
C LYS B 322 14.84 30.28 -7.12
N HIS B 323 15.12 28.99 -7.36
CA HIS B 323 16.27 28.64 -8.18
C HIS B 323 15.96 27.77 -9.40
N GLY B 324 14.73 27.29 -9.52
CA GLY B 324 14.38 26.43 -10.64
C GLY B 324 14.43 27.13 -11.99
N PHE B 325 15.06 26.49 -12.97
CA PHE B 325 15.09 26.99 -14.34
C PHE B 325 13.98 26.30 -15.16
N LYS B 326 12.99 27.08 -15.58
CA LYS B 326 11.87 26.59 -16.39
C LYS B 326 12.03 26.93 -17.88
N TYR B 327 11.08 26.44 -18.69
CA TYR B 327 11.12 26.64 -20.14
C TYR B 327 11.06 28.12 -20.47
N ASP B 328 11.97 28.57 -21.33
CA ASP B 328 12.12 30.00 -21.68
C ASP B 328 13.10 30.17 -22.82
N PRO B 329 12.70 29.76 -24.04
CA PRO B 329 13.65 29.71 -25.16
C PRO B 329 14.31 31.06 -25.46
N GLU B 330 13.56 32.14 -25.27
CA GLU B 330 14.10 33.46 -25.55
C GLU B 330 15.24 33.82 -24.58
N GLU B 331 15.09 33.45 -23.32
CA GLU B 331 16.16 33.66 -22.36
C GLU B 331 17.36 32.76 -22.66
N ALA B 332 17.07 31.59 -23.24
CA ALA B 332 18.15 30.67 -23.63
C ALA B 332 18.97 31.27 -24.77
N LYS B 333 18.28 31.85 -25.75
CA LYS B 333 18.95 32.52 -26.86
C LYS B 333 19.83 33.64 -26.34
N SER B 334 19.38 34.29 -25.26
CA SER B 334 20.11 35.40 -24.66
C SER B 334 21.40 34.91 -24.03
N ILE B 335 21.32 33.78 -23.35
CA ILE B 335 22.50 33.15 -22.75
C ILE B 335 23.50 32.74 -23.82
N LEU B 336 23.01 32.01 -24.83
CA LEU B 336 23.84 31.61 -25.96
C LEU B 336 24.46 32.82 -26.67
N ASP B 337 23.70 33.91 -26.75
CA ASP B 337 24.25 35.15 -27.31
C ASP B 337 25.41 35.68 -26.47
N LYS B 338 25.26 35.64 -25.15
CA LYS B 338 26.30 36.14 -24.25
C LYS B 338 27.52 35.24 -24.18
N LEU B 339 27.35 33.93 -24.37
CA LEU B 339 28.49 33.03 -24.33
C LEU B 339 29.33 33.06 -25.61
N GLY B 340 28.80 33.69 -26.66
CA GLY B 340 29.54 33.83 -27.90
C GLY B 340 29.14 32.84 -28.99
N PHE B 341 28.17 31.98 -28.67
CA PHE B 341 27.72 30.96 -29.60
C PHE B 341 26.70 31.54 -30.59
N ARG B 342 27.18 31.97 -31.75
CA ARG B 342 26.30 32.57 -32.76
C ARG B 342 26.44 31.91 -34.14
N ASP B 343 25.40 32.02 -34.94
CA ASP B 343 25.37 31.45 -36.29
C ASP B 343 26.14 32.32 -37.28
N VAL B 344 27.33 31.88 -37.68
CA VAL B 344 28.20 32.69 -38.52
C VAL B 344 28.26 32.26 -39.98
N ASN B 345 27.69 31.11 -40.32
CA ASN B 345 27.65 30.69 -41.73
C ASN B 345 26.25 30.75 -42.32
N GLY B 346 25.28 31.10 -41.48
CA GLY B 346 23.90 31.30 -41.92
C GLY B 346 23.04 30.05 -42.04
N ASP B 347 23.53 28.92 -41.55
CA ASP B 347 22.79 27.67 -41.71
C ASP B 347 21.75 27.47 -40.60
N GLY B 348 21.62 28.46 -39.72
CA GLY B 348 20.64 28.42 -38.65
C GLY B 348 21.12 27.79 -37.35
N PHE B 349 22.37 27.34 -37.33
CA PHE B 349 22.93 26.75 -36.12
C PHE B 349 24.06 27.59 -35.55
N ARG B 350 24.12 27.68 -34.23
CA ARG B 350 25.17 28.44 -33.56
C ARG B 350 26.51 27.69 -33.62
N GLU B 351 27.56 28.43 -33.98
CA GLU B 351 28.91 27.89 -33.96
C GLU B 351 29.62 28.28 -32.66
N THR B 352 30.80 27.70 -32.45
CA THR B 352 31.65 28.06 -31.32
C THR B 352 32.00 29.54 -31.35
N PRO B 353 32.39 30.11 -30.20
CA PRO B 353 32.90 31.48 -30.19
C PRO B 353 34.11 31.65 -31.10
N ASP B 354 34.72 30.53 -31.51
CA ASP B 354 35.86 30.53 -32.40
C ASP B 354 35.45 30.28 -33.86
N GLY B 355 34.19 29.89 -34.06
CA GLY B 355 33.65 29.75 -35.40
C GLY B 355 33.44 28.33 -35.91
N LYS B 356 33.72 27.34 -35.05
CA LYS B 356 33.60 25.93 -35.45
C LYS B 356 32.21 25.37 -35.16
N PRO B 357 31.64 24.61 -36.11
CA PRO B 357 30.33 23.99 -35.94
C PRO B 357 30.18 23.19 -34.65
N ILE B 358 28.99 23.26 -34.07
CA ILE B 358 28.60 22.49 -32.90
C ILE B 358 27.44 21.57 -33.19
N LYS B 359 27.61 20.27 -32.96
CA LYS B 359 26.52 19.32 -33.03
C LYS B 359 26.64 18.33 -31.87
N LEU B 360 25.63 18.28 -31.03
CA LEU B 360 25.65 17.43 -29.84
C LEU B 360 24.82 16.17 -30.03
N THR B 361 25.32 15.04 -29.56
CA THR B 361 24.55 13.80 -29.62
C THR B 361 23.64 13.65 -28.39
N ILE B 362 22.42 13.20 -28.63
CA ILE B 362 21.47 12.90 -27.56
C ILE B 362 21.07 11.44 -27.70
N GLU B 363 21.37 10.63 -26.68
CA GLU B 363 21.28 9.19 -26.87
C GLU B 363 20.40 8.44 -25.86
N CYS B 364 19.85 7.32 -26.35
CA CYS B 364 19.05 6.39 -25.56
C CYS B 364 19.24 5.02 -26.22
N PRO B 365 18.72 3.94 -25.62
CA PRO B 365 18.94 2.65 -26.31
C PRO B 365 18.13 2.49 -27.59
N TYR B 366 18.70 1.78 -28.57
CA TYR B 366 17.98 1.31 -29.73
C TYR B 366 16.70 0.59 -29.29
N GLY B 367 15.58 0.85 -29.96
CA GLY B 367 14.37 0.10 -29.69
C GLY B 367 13.53 0.56 -28.51
N TRP B 368 14.06 1.50 -27.73
CA TRP B 368 13.26 2.14 -26.68
C TRP B 368 12.48 3.27 -27.34
N THR B 369 11.40 2.89 -27.99
CA THR B 369 10.78 3.73 -29.01
C THR B 369 10.22 5.03 -28.48
N ASP B 370 9.75 5.02 -27.23
CA ASP B 370 9.24 6.23 -26.60
C ASP B 370 10.38 7.23 -26.35
N TRP B 371 11.52 6.75 -25.86
CA TRP B 371 12.64 7.65 -25.62
C TRP B 371 13.24 8.15 -26.94
N MET B 372 13.28 7.30 -27.96
CA MET B 372 13.75 7.74 -29.28
C MET B 372 12.92 8.90 -29.82
N GLN B 373 11.60 8.79 -29.71
CA GLN B 373 10.69 9.82 -30.16
C GLN B 373 10.84 11.06 -29.29
N ALA B 374 10.97 10.86 -27.98
CA ALA B 374 11.14 11.99 -27.07
C ALA B 374 12.42 12.74 -27.41
N ILE B 375 13.45 12.00 -27.79
CA ILE B 375 14.71 12.62 -28.21
C ILE B 375 14.55 13.40 -29.52
N GLN B 376 13.78 12.86 -30.47
CA GLN B 376 13.51 13.60 -31.72
C GLN B 376 12.79 14.91 -31.43
N VAL B 377 11.87 14.91 -30.46
CA VAL B 377 11.21 16.14 -30.02
C VAL B 377 12.23 17.13 -29.48
N ILE B 378 13.10 16.67 -28.59
CA ILE B 378 14.12 17.53 -28.01
C ILE B 378 15.12 18.06 -29.05
N VAL B 379 15.47 17.21 -30.02
CA VAL B 379 16.31 17.67 -31.12
C VAL B 379 15.69 18.89 -31.80
N ASP B 380 14.41 18.77 -32.15
CA ASP B 380 13.70 19.85 -32.83
C ASP B 380 13.59 21.11 -31.95
N GLN B 381 13.39 20.95 -30.64
CA GLN B 381 13.33 22.11 -29.74
C GLN B 381 14.66 22.85 -29.66
N LEU B 382 15.75 22.09 -29.62
CA LEU B 382 17.08 22.70 -29.57
C LEU B 382 17.40 23.44 -30.86
N LYS B 383 16.88 22.94 -31.97
CA LYS B 383 17.05 23.58 -33.26
C LYS B 383 16.41 24.98 -33.26
N VAL B 384 15.37 25.16 -32.46
CA VAL B 384 14.71 26.47 -32.37
C VAL B 384 15.63 27.52 -31.75
N VAL B 385 16.47 27.12 -30.81
CA VAL B 385 17.34 28.10 -30.15
C VAL B 385 18.76 28.08 -30.74
N GLY B 386 18.91 27.41 -31.88
CA GLY B 386 20.17 27.37 -32.59
C GLY B 386 21.18 26.33 -32.13
N ILE B 387 20.74 25.32 -31.40
CA ILE B 387 21.66 24.27 -30.96
C ILE B 387 21.47 23.02 -31.80
N ASN B 388 22.48 22.66 -32.58
CA ASN B 388 22.40 21.48 -33.44
C ASN B 388 22.53 20.22 -32.61
N ALA B 389 21.51 19.37 -32.67
CA ALA B 389 21.55 18.11 -31.94
C ALA B 389 21.35 16.93 -32.87
N GLU B 390 21.85 15.78 -32.42
CA GLU B 390 21.84 14.59 -33.24
C GLU B 390 21.35 13.43 -32.39
N PRO B 391 20.25 12.79 -32.81
CA PRO B 391 19.81 11.55 -32.14
C PRO B 391 20.85 10.47 -32.34
N TYR B 392 20.92 9.54 -31.39
CA TYR B 392 21.91 8.46 -31.40
C TYR B 392 21.35 7.31 -30.58
N PHE B 393 21.04 6.20 -31.24
CA PHE B 393 20.35 5.09 -30.56
C PHE B 393 21.20 3.83 -30.60
N PRO B 394 22.32 3.82 -29.86
CA PRO B 394 23.15 2.62 -29.80
C PRO B 394 22.41 1.45 -29.13
N ASP B 395 22.88 0.23 -29.40
CA ASP B 395 22.40 -0.95 -28.69
C ASP B 395 22.52 -0.72 -27.19
N SER B 396 21.58 -1.30 -26.45
N SER B 396 21.61 -1.32 -26.42
CA SER B 396 21.52 -1.16 -25.00
CA SER B 396 21.59 -1.13 -24.97
C SER B 396 22.87 -1.35 -24.31
C SER B 396 22.95 -1.36 -24.30
N SER B 397 23.58 -2.40 -24.69
N SER B 397 23.65 -2.42 -24.66
CA SER B 397 24.90 -2.68 -24.13
CA SER B 397 24.97 -2.70 -24.10
C SER B 397 25.88 -1.51 -24.30
C SER B 397 25.91 -1.51 -24.30
N LYS B 398 25.86 -0.89 -25.48
CA LYS B 398 26.73 0.24 -25.77
C LYS B 398 26.24 1.49 -25.02
N TYR B 399 24.92 1.66 -24.98
CA TYR B 399 24.32 2.73 -24.18
C TYR B 399 24.78 2.67 -22.72
N TYR B 400 24.72 1.49 -22.10
CA TYR B 400 25.16 1.37 -20.70
C TYR B 400 26.66 1.52 -20.56
N GLU B 401 27.41 1.01 -21.54
CA GLU B 401 28.86 1.22 -21.52
C GLU B 401 29.19 2.71 -21.56
N ASN B 402 28.57 3.43 -22.49
CA ASN B 402 28.76 4.88 -22.57
C ASN B 402 28.40 5.56 -21.25
N MET B 403 27.31 5.11 -20.64
CA MET B 403 26.85 5.68 -19.36
C MET B 403 27.89 5.53 -18.25
N TYR B 404 28.35 4.30 -18.06
CA TYR B 404 29.26 3.99 -16.97
C TYR B 404 30.62 4.68 -17.16
N LYS B 405 31.02 4.84 -18.41
CA LYS B 405 32.30 5.46 -18.74
C LYS B 405 32.20 6.97 -18.93
N GLY B 406 30.97 7.48 -19.01
CA GLY B 406 30.76 8.90 -19.24
C GLY B 406 31.13 9.35 -20.65
N GLU B 407 30.95 8.46 -21.62
CA GLU B 407 31.25 8.78 -23.02
C GLU B 407 30.00 9.10 -23.83
N PHE B 408 29.50 10.32 -23.64
CA PHE B 408 28.32 10.82 -24.31
C PHE B 408 28.34 12.33 -24.29
N ASP B 409 27.42 12.97 -25.01
CA ASP B 409 27.21 14.41 -24.88
C ASP B 409 26.04 14.64 -23.95
N ILE B 410 24.85 14.40 -24.50
CA ILE B 410 23.62 14.41 -23.72
C ILE B 410 23.06 12.98 -23.69
N GLU B 411 22.64 12.54 -22.51
CA GLU B 411 22.14 11.18 -22.35
C GLU B 411 20.80 11.16 -21.62
N MET B 412 19.79 10.59 -22.25
CA MET B 412 18.52 10.38 -21.57
C MET B 412 18.70 9.20 -20.62
N ASN B 413 18.14 9.31 -19.43
CA ASN B 413 18.54 8.47 -18.31
C ASN B 413 17.45 8.39 -17.25
N ALA B 414 17.20 7.18 -16.76
CA ALA B 414 16.35 6.95 -15.59
C ALA B 414 16.97 5.82 -14.77
N ASN B 415 18.30 5.77 -14.77
CA ASN B 415 19.07 4.70 -14.14
C ASN B 415 19.52 5.10 -12.73
N GLY B 416 18.75 4.73 -11.72
CA GLY B 416 19.11 5.06 -10.36
C GLY B 416 18.17 6.08 -9.75
N THR B 417 17.26 6.62 -10.56
CA THR B 417 16.34 7.64 -10.06
C THR B 417 15.00 7.02 -9.68
N GLY B 418 15.01 5.74 -9.33
CA GLY B 418 13.74 5.06 -9.07
C GLY B 418 13.19 5.37 -7.69
N ILE B 419 11.91 5.11 -7.49
CA ILE B 419 11.29 5.27 -6.18
C ILE B 419 12.07 4.48 -5.09
N SER B 420 12.15 5.05 -3.88
CA SER B 420 12.98 4.50 -2.82
C SER B 420 12.50 5.00 -1.46
N SER B 421 13.12 4.54 -0.37
CA SER B 421 12.73 5.01 0.95
C SER B 421 13.37 6.35 1.34
N THR B 422 14.14 6.98 0.45
CA THR B 422 14.83 8.24 0.82
C THR B 422 15.31 9.06 -0.37
N PRO B 423 15.19 10.39 -0.28
CA PRO B 423 15.66 11.24 -1.37
C PRO B 423 17.19 11.19 -1.52
N TRP B 424 17.86 10.57 -0.55
CA TRP B 424 19.29 10.36 -0.68
C TRP B 424 19.64 9.53 -1.93
N THR B 425 18.81 8.56 -2.31
CA THR B 425 19.12 7.76 -3.50
C THR B 425 19.10 8.61 -4.77
N TYR B 426 18.16 9.54 -4.82
CA TYR B 426 18.03 10.44 -5.97
C TYR B 426 19.26 11.37 -6.06
N PHE B 427 19.59 12.04 -4.97
CA PHE B 427 20.75 12.93 -4.99
C PHE B 427 22.07 12.14 -5.15
N ASN B 428 22.12 10.93 -4.60
CA ASN B 428 23.31 10.10 -4.78
C ASN B 428 23.51 9.74 -6.24
N THR B 429 22.41 9.43 -6.93
CA THR B 429 22.51 9.04 -8.33
C THR B 429 22.97 10.22 -9.19
N ILE B 430 22.51 11.42 -8.83
CA ILE B 430 22.92 12.60 -9.56
C ILE B 430 24.37 12.97 -9.30
N PHE B 431 24.75 13.08 -8.03
CA PHE B 431 26.03 13.67 -7.69
C PHE B 431 27.17 12.69 -7.43
N TYR B 432 26.84 11.41 -7.15
CA TYR B 432 27.78 10.33 -6.84
C TYR B 432 29.27 10.70 -6.94
N PRO B 433 29.86 11.22 -5.85
CA PRO B 433 31.21 11.77 -5.93
C PRO B 433 32.23 10.77 -6.42
N ASP B 434 32.04 9.50 -6.10
CA ASP B 434 33.04 8.48 -6.44
C ASP B 434 33.18 8.23 -7.93
N ALA B 435 32.27 8.80 -8.73
CA ALA B 435 32.34 8.67 -10.18
C ALA B 435 33.64 9.25 -10.73
N LEU B 436 34.08 10.36 -10.13
CA LEU B 436 35.27 11.08 -10.57
C LEU B 436 36.51 10.21 -10.39
N GLU B 437 36.43 9.29 -9.43
CA GLU B 437 37.50 8.38 -9.06
C GLU B 437 37.32 6.98 -9.66
N SER B 438 36.48 6.87 -10.68
CA SER B 438 36.10 5.58 -11.25
C SER B 438 36.22 5.55 -12.76
N GLU B 439 36.69 4.43 -13.30
CA GLU B 439 36.63 4.26 -14.75
C GLU B 439 35.19 3.99 -15.14
N PHE B 440 34.56 3.11 -14.36
CA PHE B 440 33.17 2.76 -14.53
C PHE B 440 32.39 3.22 -13.32
N SER B 441 31.47 4.15 -13.54
CA SER B 441 30.55 4.55 -12.49
C SER B 441 29.18 3.99 -12.77
N TYR B 442 28.81 2.95 -12.04
CA TYR B 442 27.50 2.31 -12.20
C TYR B 442 26.40 3.07 -11.46
N THR B 443 26.78 3.76 -10.40
CA THR B 443 25.82 4.28 -9.44
C THR B 443 25.23 5.63 -9.84
N GLY B 444 26.03 6.48 -10.48
CA GLY B 444 25.55 7.78 -10.91
C GLY B 444 26.63 8.78 -11.25
N ASN B 445 26.24 10.06 -11.29
CA ASN B 445 27.12 11.12 -11.74
C ASN B 445 27.89 10.70 -13.00
N TYR B 446 27.14 10.15 -13.96
CA TYR B 446 27.72 9.56 -15.14
C TYR B 446 28.47 10.59 -15.99
N GLY B 447 28.04 11.84 -15.91
CA GLY B 447 28.68 12.93 -16.63
C GLY B 447 29.84 13.57 -15.87
N ARG B 448 30.19 12.97 -14.74
CA ARG B 448 31.33 13.40 -13.93
C ARG B 448 31.26 14.89 -13.56
N TYR B 449 30.17 15.27 -12.90
CA TYR B 449 30.06 16.63 -12.40
C TYR B 449 30.82 16.71 -11.09
N GLN B 450 31.47 17.85 -10.87
CA GLN B 450 32.34 18.06 -9.73
C GLN B 450 31.95 19.33 -9.00
N ASN B 451 31.80 19.23 -7.68
CA ASN B 451 31.44 20.37 -6.82
C ASN B 451 31.99 20.11 -5.43
N PRO B 452 32.75 21.06 -4.88
CA PRO B 452 33.44 20.84 -3.60
C PRO B 452 32.51 20.69 -2.38
N GLU B 453 31.24 21.05 -2.52
CA GLU B 453 30.33 20.99 -1.38
C GLU B 453 29.48 19.72 -1.36
N VAL B 454 29.22 19.13 -2.52
CA VAL B 454 28.17 18.13 -2.61
C VAL B 454 28.45 16.85 -1.83
N GLU B 455 29.71 16.41 -1.78
CA GLU B 455 30.03 15.17 -1.07
C GLU B 455 29.71 15.28 0.42
N SER B 456 30.09 16.42 1.01
N SER B 456 30.08 16.42 1.00
CA SER B 456 29.86 16.65 2.43
CA SER B 456 29.86 16.69 2.41
C SER B 456 28.36 16.72 2.76
C SER B 456 28.37 16.73 2.75
N LEU B 457 27.61 17.48 1.95
CA LEU B 457 26.16 17.57 2.10
C LEU B 457 25.49 16.18 2.01
N LEU B 458 25.89 15.42 0.98
CA LEU B 458 25.35 14.08 0.76
C LEU B 458 25.56 13.17 1.98
N GLU B 459 26.75 13.23 2.56
CA GLU B 459 27.07 12.46 3.75
C GLU B 459 26.26 12.89 4.94
N GLU B 460 26.10 14.21 5.10
N GLU B 460 26.08 14.19 5.10
CA GLU B 460 25.37 14.77 6.23
CA GLU B 460 25.36 14.70 6.26
C GLU B 460 23.91 14.36 6.16
C GLU B 460 23.89 14.33 6.16
N LEU B 461 23.35 14.36 4.95
CA LEU B 461 22.00 13.86 4.69
C LEU B 461 21.91 12.38 5.05
N ASN B 462 22.88 11.62 4.55
CA ASN B 462 22.94 10.17 4.75
C ASN B 462 22.95 9.80 6.25
N ARG B 463 23.67 10.57 7.07
CA ARG B 463 23.76 10.24 8.48
C ARG B 463 22.65 10.88 9.33
N THR B 464 21.71 11.55 8.69
CA THR B 464 20.60 12.16 9.40
C THR B 464 19.42 11.22 9.53
N PRO B 465 18.95 10.99 10.77
CA PRO B 465 17.80 10.10 10.94
C PRO B 465 16.59 10.57 10.12
N LEU B 466 15.89 9.61 9.52
CA LEU B 466 14.80 9.90 8.59
C LEU B 466 13.66 10.66 9.24
N ASP B 467 13.51 10.50 10.55
CA ASP B 467 12.40 11.15 11.23
C ASP B 467 12.72 12.59 11.61
N ASN B 468 13.97 13.02 11.46
CA ASN B 468 14.29 14.45 11.60
C ASN B 468 13.92 15.19 10.32
N VAL B 469 12.63 15.48 10.16
CA VAL B 469 12.12 15.97 8.89
C VAL B 469 12.68 17.36 8.60
N GLU B 470 12.81 18.18 9.64
CA GLU B 470 13.33 19.52 9.41
C GLU B 470 14.74 19.50 8.81
N LYS B 471 15.65 18.68 9.36
CA LYS B 471 17.03 18.76 8.89
C LYS B 471 17.20 18.04 7.56
N VAL B 472 16.48 16.94 7.34
CA VAL B 472 16.54 16.26 6.06
C VAL B 472 16.04 17.21 4.96
N THR B 473 14.93 17.89 5.24
CA THR B 473 14.38 18.85 4.28
C THR B 473 15.39 19.94 3.96
N GLU B 474 16.03 20.47 4.99
CA GLU B 474 17.03 21.52 4.82
C GLU B 474 18.21 21.07 3.94
N LEU B 475 18.68 19.83 4.15
CA LEU B 475 19.78 19.32 3.37
C LEU B 475 19.35 19.02 1.93
N CYS B 476 18.08 18.64 1.75
CA CYS B 476 17.55 18.44 0.40
C CYS B 476 17.50 19.78 -0.32
N GLY B 477 17.21 20.84 0.43
CA GLY B 477 17.23 22.18 -0.12
C GLY B 477 18.60 22.59 -0.62
N LYS B 478 19.62 22.34 0.21
CA LYS B 478 21.00 22.66 -0.15
C LYS B 478 21.53 21.84 -1.33
N LEU B 479 21.24 20.55 -1.37
CA LEU B 479 21.59 19.74 -2.52
C LEU B 479 20.76 20.17 -3.74
N GLY B 480 19.48 20.46 -3.50
CA GLY B 480 18.58 20.89 -4.56
C GLY B 480 19.02 22.21 -5.17
N GLU B 481 19.49 23.13 -4.34
CA GLU B 481 20.05 24.40 -4.81
C GLU B 481 21.17 24.16 -5.83
N ILE B 482 22.04 23.22 -5.51
CA ILE B 482 23.18 22.93 -6.36
C ILE B 482 22.71 22.29 -7.68
N LEU B 483 21.76 21.36 -7.58
CA LEU B 483 21.20 20.73 -8.77
C LEU B 483 20.58 21.78 -9.70
N LEU B 484 19.77 22.67 -9.14
CA LEU B 484 19.08 23.66 -9.93
C LEU B 484 20.02 24.71 -10.55
N LYS B 485 21.08 25.07 -9.85
CA LYS B 485 22.04 26.06 -10.35
C LYS B 485 23.00 25.52 -11.42
N ASP B 486 23.52 24.30 -11.23
CA ASP B 486 24.56 23.80 -12.13
C ASP B 486 24.08 22.72 -13.11
N LEU B 487 22.85 22.28 -12.92
CA LEU B 487 22.21 21.33 -13.84
C LEU B 487 23.13 20.22 -14.38
N PRO B 488 23.71 19.39 -13.49
CA PRO B 488 24.43 18.22 -14.00
C PRO B 488 23.46 17.19 -14.59
N PHE B 489 22.20 17.29 -14.13
CA PHE B 489 21.11 16.41 -14.53
C PHE B 489 19.86 17.26 -14.68
N ILE B 490 19.13 17.08 -15.78
CA ILE B 490 17.93 17.88 -16.04
C ILE B 490 16.67 17.02 -16.02
N PRO B 491 15.90 17.09 -14.94
CA PRO B 491 14.68 16.27 -14.85
C PRO B 491 13.65 16.75 -15.88
N LEU B 492 12.96 15.81 -16.54
CA LEU B 492 12.03 16.15 -17.61
C LEU B 492 10.63 15.63 -17.30
N TRP B 493 10.50 14.34 -16.99
CA TRP B 493 9.20 13.80 -16.58
C TRP B 493 9.37 12.59 -15.67
N TYR B 494 8.27 12.22 -15.03
CA TYR B 494 8.23 11.05 -14.16
C TYR B 494 7.84 9.84 -15.00
N GLY B 495 8.77 8.92 -15.13
CA GLY B 495 8.61 7.76 -15.99
C GLY B 495 7.44 6.90 -15.57
N ALA B 496 6.68 6.44 -16.56
CA ALA B 496 5.61 5.50 -16.33
C ALA B 496 6.17 4.12 -16.11
N MET B 497 5.80 3.52 -14.97
CA MET B 497 6.11 2.12 -14.62
C MET B 497 5.20 1.20 -15.42
N ALA B 498 5.50 1.07 -16.71
CA ALA B 498 4.65 0.34 -17.64
C ALA B 498 4.44 -1.08 -17.11
N PHE B 499 3.18 -1.47 -16.97
CA PHE B 499 2.85 -2.80 -16.47
C PHE B 499 1.57 -3.24 -17.12
N ILE B 500 1.69 -4.12 -18.12
CA ILE B 500 0.54 -4.56 -18.89
C ILE B 500 0.51 -6.09 -18.89
N THR B 501 -0.66 -6.65 -18.61
CA THR B 501 -0.81 -8.09 -18.47
C THR B 501 -2.03 -8.58 -19.20
N GLN B 502 -2.14 -9.89 -19.36
CA GLN B 502 -3.36 -10.49 -19.89
C GLN B 502 -3.61 -11.78 -19.11
N ASP B 503 -4.86 -12.24 -19.11
CA ASP B 503 -5.28 -13.30 -18.19
C ASP B 503 -5.46 -14.67 -18.84
N ASN B 504 -4.92 -14.90 -20.03
CA ASN B 504 -5.15 -16.19 -20.69
C ASN B 504 -4.54 -17.39 -19.94
N VAL B 505 -3.45 -17.16 -19.23
CA VAL B 505 -2.72 -18.25 -18.56
C VAL B 505 -2.65 -18.03 -17.06
N TRP B 506 -2.38 -16.79 -16.67
CA TRP B 506 -2.27 -16.40 -15.26
C TRP B 506 -3.25 -15.28 -14.92
N THR B 507 -3.81 -15.34 -13.73
CA THR B 507 -4.72 -14.29 -13.30
C THR B 507 -4.32 -13.80 -11.89
N ASN B 508 -5.07 -12.82 -11.40
CA ASN B 508 -4.92 -12.22 -10.07
C ASN B 508 -3.69 -11.31 -9.98
N TRP B 509 -3.36 -10.70 -11.11
CA TRP B 509 -2.39 -9.60 -11.15
C TRP B 509 -2.85 -8.48 -10.23
N PRO B 510 -1.91 -7.74 -9.63
CA PRO B 510 -2.33 -6.61 -8.81
C PRO B 510 -2.79 -5.46 -9.71
N ASN B 511 -3.66 -4.59 -9.19
CA ASN B 511 -4.01 -3.35 -9.87
C ASN B 511 -4.59 -2.40 -8.82
N GLU B 512 -5.15 -1.28 -9.25
CA GLU B 512 -5.59 -0.28 -8.27
C GLU B 512 -6.70 -0.81 -7.35
N HIS B 513 -7.45 -1.81 -7.80
CA HIS B 513 -8.51 -2.36 -6.96
C HIS B 513 -8.01 -3.46 -6.04
N ASN B 514 -6.85 -4.01 -6.37
CA ASN B 514 -6.19 -5.03 -5.54
C ASN B 514 -4.70 -4.73 -5.49
N PRO B 515 -4.33 -3.60 -4.85
CA PRO B 515 -2.99 -3.05 -5.04
C PRO B 515 -1.97 -3.69 -4.10
N TYR B 516 -1.67 -4.97 -4.30
CA TYR B 516 -0.94 -5.72 -3.29
C TYR B 516 0.58 -5.78 -3.53
N ALA B 517 1.04 -5.47 -4.74
CA ALA B 517 2.49 -5.50 -5.00
C ALA B 517 2.89 -4.58 -6.13
N TRP B 518 4.07 -3.98 -5.97
CA TRP B 518 4.75 -3.18 -6.99
C TRP B 518 5.15 -4.06 -8.18
N PRO B 519 4.70 -3.72 -9.40
CA PRO B 519 4.88 -4.67 -10.51
C PRO B 519 6.16 -4.43 -11.33
N CYS B 520 7.33 -4.62 -10.73
CA CYS B 520 8.57 -4.27 -11.43
C CYS B 520 9.58 -5.40 -11.57
N GLY B 521 9.76 -5.87 -12.79
CA GLY B 521 10.73 -6.92 -13.08
C GLY B 521 12.09 -6.45 -13.59
N TRP B 522 12.41 -5.17 -13.40
CA TRP B 522 13.74 -4.69 -13.73
C TRP B 522 14.78 -5.44 -12.92
N ALA B 523 15.99 -5.53 -13.43
CA ALA B 523 17.08 -6.12 -12.66
C ALA B 523 17.17 -5.41 -11.31
N ASN B 524 17.35 -6.19 -10.26
CA ASN B 524 17.50 -5.69 -8.90
C ASN B 524 16.21 -5.07 -8.33
N TRP B 525 15.07 -5.30 -8.99
CA TRP B 525 13.77 -4.80 -8.47
C TRP B 525 12.78 -5.90 -8.10
N TRP B 526 13.12 -7.16 -8.34
CA TRP B 526 12.18 -8.25 -8.07
C TRP B 526 11.79 -8.36 -6.59
N GLN B 527 12.69 -7.93 -5.70
CA GLN B 527 12.37 -7.96 -4.28
C GLN B 527 11.53 -6.75 -3.83
N THR B 528 11.02 -5.95 -4.78
CA THR B 528 10.15 -4.83 -4.42
C THR B 528 8.68 -5.15 -4.69
N GLY B 529 8.42 -6.29 -5.30
CA GLY B 529 7.04 -6.68 -5.52
C GLY B 529 6.79 -7.76 -6.56
N ALA B 530 7.59 -7.80 -7.63
CA ALA B 530 7.31 -8.75 -8.71
C ALA B 530 7.39 -10.22 -8.25
N LEU B 531 8.34 -10.56 -7.36
CA LEU B 531 8.37 -11.93 -6.82
C LEU B 531 7.08 -12.19 -6.05
N LYS B 532 6.65 -11.23 -5.26
CA LYS B 532 5.40 -11.37 -4.52
C LYS B 532 4.20 -11.51 -5.47
N ILE B 533 4.23 -10.85 -6.63
CA ILE B 533 3.18 -11.12 -7.62
C ILE B 533 3.17 -12.62 -7.96
N LEU B 534 4.34 -13.22 -8.17
CA LEU B 534 4.40 -14.66 -8.47
C LEU B 534 3.71 -15.49 -7.37
N PHE B 535 3.88 -15.08 -6.10
CA PHE B 535 3.29 -15.80 -4.96
C PHE B 535 1.77 -15.83 -5.06
N ASN B 536 1.21 -14.80 -5.71
CA ASN B 536 -0.23 -14.55 -5.73
C ASN B 536 -0.95 -14.92 -7.02
N LEU B 537 -0.20 -15.21 -8.08
CA LEU B 537 -0.83 -15.54 -9.37
C LEU B 537 -1.62 -16.84 -9.27
N LYS B 538 -2.73 -16.93 -10.01
CA LYS B 538 -3.54 -18.14 -10.13
C LYS B 538 -3.61 -18.59 -11.59
N PRO B 539 -3.60 -19.91 -11.82
CA PRO B 539 -3.75 -20.35 -13.21
C PRO B 539 -5.13 -19.98 -13.72
N ALA B 540 -5.22 -19.54 -14.97
CA ALA B 540 -6.50 -19.29 -15.63
C ALA B 540 -7.29 -20.58 -15.77
N LYS B 541 -8.62 -20.49 -15.74
CA LYS B 541 -9.43 -21.64 -16.04
C LYS B 541 -9.47 -21.82 -17.57
N HIS B 542 -8.87 -22.91 -18.03
CA HIS B 542 -8.90 -23.35 -19.44
C HIS B 542 -8.24 -24.73 -19.59
C1 BMA C . -17.71 2.73 13.37
C2 BMA C . -18.35 3.77 12.47
C3 BMA C . -17.66 5.11 12.54
C4 BMA C . -17.42 5.54 13.96
C5 BMA C . -16.66 4.44 14.66
C6 BMA C . -16.18 4.81 16.04
O1 BMA C . -18.47 1.60 13.47
O2 BMA C . -19.70 3.95 12.93
O3 BMA C . -18.47 6.06 11.81
O4 BMA C . -16.62 6.76 14.08
O5 BMA C . -17.54 3.28 14.73
O6 BMA C . -17.30 5.12 16.86
C1 BMA C . -17.42 7.86 14.42
C2 BMA C . -16.53 9.00 14.89
C3 BMA C . -17.32 10.25 15.05
C4 BMA C . -18.13 10.60 13.84
C5 BMA C . -19.01 9.41 13.47
C6 BMA C . -19.83 9.70 12.25
O2 BMA C . -15.52 9.24 13.88
O3 BMA C . -16.39 11.35 15.36
O4 BMA C . -19.00 11.69 14.16
O5 BMA C . -18.16 8.26 13.21
O6 BMA C . -18.95 10.05 11.17
C1 BMA D . 15.24 1.06 -15.86
C2 BMA D . 14.66 2.26 -16.57
C3 BMA D . 13.45 1.90 -17.40
C4 BMA D . 13.73 0.71 -18.32
C5 BMA D . 14.31 -0.46 -17.59
C6 BMA D . 14.69 -1.53 -18.62
O1 BMA D . 16.43 1.36 -15.23
O2 BMA D . 15.65 2.85 -17.42
O3 BMA D . 13.01 3.02 -18.18
O4 BMA D . 12.48 0.23 -18.91
O5 BMA D . 15.51 -0.06 -16.83
O6 BMA D . 15.59 -2.43 -18.04
C1 BMA D . 12.45 0.49 -20.28
C2 BMA D . 11.44 -0.39 -20.99
C3 BMA D . 11.30 0.02 -22.42
C4 BMA D . 11.04 1.50 -22.57
C5 BMA D . 12.07 2.32 -21.79
C6 BMA D . 11.81 3.79 -21.87
O2 BMA D . 10.16 -0.20 -20.30
O3 BMA D . 10.18 -0.70 -23.04
O4 BMA D . 11.14 1.83 -23.95
O5 BMA D . 12.06 1.91 -20.40
O6 BMA D . 10.59 4.12 -21.22
MG MG E . -51.48 14.78 6.18
S SO4 F . 6.17 -2.42 11.39
O1 SO4 F . 5.72 -1.27 10.63
O2 SO4 F . 6.41 -2.07 12.78
O3 SO4 F . 5.21 -3.52 11.30
O4 SO4 F . 7.43 -2.86 10.81
S SO4 G . -24.91 20.80 -3.05
O1 SO4 G . -24.67 21.55 -4.28
O2 SO4 G . -24.81 21.69 -1.90
O3 SO4 G . -26.26 20.24 -3.13
O4 SO4 G . -23.94 19.73 -3.00
S SO4 H . -25.70 8.24 -8.07
O1 SO4 H . -25.89 7.15 -9.02
O2 SO4 H . -26.00 9.51 -8.74
O3 SO4 H . -26.62 8.09 -6.96
O4 SO4 H . -24.31 8.25 -7.61
S SO4 I . -46.06 16.28 -1.37
O1 SO4 I . -45.90 17.11 -2.56
O2 SO4 I . -45.45 16.95 -0.22
O3 SO4 I . -47.48 16.04 -1.09
O4 SO4 I . -45.41 15.00 -1.60
S SO4 J . -8.56 -22.31 -2.57
O1 SO4 J . -8.97 -22.53 -3.95
O2 SO4 J . -9.35 -21.23 -1.99
O3 SO4 J . -8.76 -23.54 -1.80
O4 SO4 J . -7.14 -21.96 -2.52
S SO4 K . -23.31 -16.93 4.94
O1 SO4 K . -22.79 -17.14 3.61
O2 SO4 K . -23.26 -15.52 5.30
O3 SO4 K . -24.72 -17.33 4.96
O4 SO4 K . -22.49 -17.65 5.92
S SO4 L . -13.44 -27.16 24.93
O1 SO4 L . -14.25 -26.87 23.75
O2 SO4 L . -13.44 -26.01 25.82
O3 SO4 L . -14.03 -28.32 25.62
O4 SO4 L . -12.07 -27.48 24.54
S SO4 M . -2.93 -19.76 0.35
O1 SO4 M . -4.24 -19.37 -0.17
O2 SO4 M . -2.64 -18.94 1.53
O3 SO4 M . -2.94 -21.17 0.72
O4 SO4 M . -1.90 -19.54 -0.66
S SO4 N . -19.25 -6.38 16.64
O1 SO4 N . -18.45 -6.52 15.43
O2 SO4 N . -20.06 -5.17 16.53
O3 SO4 N . -20.12 -7.53 16.79
O4 SO4 N . -18.35 -6.20 17.76
S SO4 O . -8.28 -37.23 13.03
O1 SO4 O . -8.24 -37.16 11.56
O2 SO4 O . -7.39 -36.21 13.58
O3 SO4 O . -9.65 -36.98 13.47
O4 SO4 O . -7.83 -38.54 13.47
S SO4 P . -5.55 -34.48 16.91
O1 SO4 P . -5.79 -35.38 15.78
O2 SO4 P . -6.73 -33.60 17.05
O3 SO4 P . -5.37 -35.23 18.14
O4 SO4 P . -4.35 -33.68 16.67
MG MG Q . 25.79 28.05 -38.19
S SO4 R . 14.10 -2.01 9.54
O1 SO4 R . 14.78 -2.16 8.26
O2 SO4 R . 13.05 -1.01 9.35
O3 SO4 R . 13.51 -3.29 9.97
O4 SO4 R . 15.07 -1.53 10.52
S SO4 S . 19.48 -21.14 10.14
O1 SO4 S . 18.84 -20.50 8.99
O2 SO4 S . 19.95 -20.09 11.04
O3 SO4 S . 18.55 -22.02 10.84
O4 SO4 S . 20.63 -21.92 9.70
S SO4 T . 7.55 23.24 -14.32
O1 SO4 T . 8.44 24.27 -14.84
O2 SO4 T . 7.33 23.45 -12.89
O3 SO4 T . 6.27 23.27 -15.00
O4 SO4 T . 8.17 21.94 -14.55
S SO4 U . 32.61 -12.29 16.83
O1 SO4 U . 32.64 -11.69 15.50
O2 SO4 U . 33.13 -11.30 17.78
O3 SO4 U . 31.25 -12.68 17.18
O4 SO4 U . 33.48 -13.47 16.83
S SO4 V . 36.53 -12.87 4.05
O1 SO4 V . 36.78 -14.10 3.28
O2 SO4 V . 36.37 -11.76 3.14
O3 SO4 V . 35.34 -13.03 4.88
O4 SO4 V . 37.67 -12.61 4.92
S SO4 W . 22.13 -10.48 21.18
O1 SO4 W . 21.08 -10.98 20.31
O2 SO4 W . 22.44 -9.08 20.86
O3 SO4 W . 21.68 -10.57 22.57
O4 SO4 W . 23.35 -11.27 21.00
S SO4 X . 27.44 9.73 0.61
O1 SO4 X . 26.57 9.50 -0.54
O2 SO4 X . 27.86 11.11 0.60
O3 SO4 X . 26.75 9.43 1.81
O4 SO4 X . 28.58 8.85 0.47
S SO4 Y . 2.48 -12.75 -0.09
O1 SO4 Y . 2.25 -12.47 -1.50
O2 SO4 Y . 1.87 -11.67 0.67
O3 SO4 Y . 1.77 -13.99 0.20
O4 SO4 Y . 3.88 -12.80 0.23
S SO4 Z . 5.99 4.96 -29.68
O1 SO4 Z . 6.62 5.38 -30.93
O2 SO4 Z . 4.69 5.60 -29.56
O3 SO4 Z . 5.82 3.50 -29.68
O4 SO4 Z . 6.82 5.35 -28.54
#